data_5WU3
#
_entry.id   5WU3
#
_cell.length_a   79.794
_cell.length_b   85.115
_cell.length_c   93.760
_cell.angle_alpha   90.000
_cell.angle_beta   99.560
_cell.angle_gamma   90.000
#
_symmetry.space_group_name_H-M   'P 1 21 1'
#
loop_
_entity.id
_entity.type
_entity.pdbx_description
1 polymer 'Speckle targeted PIP5K1A-regulated poly(A) polymerase'
2 non-polymer "URIDINE 5'-TRIPHOSPHATE"
3 non-polymer 'MAGNESIUM ION'
4 non-polymer 'CHLORIDE ION'
5 non-polymer 1,2-ETHANEDIOL
6 water water
#
_entity_poly.entity_id   1
_entity_poly.type   'polypeptide(L)'
_entity_poly.pdbx_seq_one_letter_code
;MGAAPDSHQLAKALAEAADVGAQMIKLVGLRELSEAERQLRSLVVALMQEVFTEFFPGCVVHPFGSSINSFDVHGCDLDL
FLDLGDLEEPQPVPKLPPASPLLEDREEGDLGKASELAETPKEEKAEGAAMLELVGSILRGCVPGVYRVQTVPSARRPVV
KFAHRPSGLHGDVSLSNRLALHNSRFLSLASELDGRVRPLVYTLRAWAQGRGLSGSGPLLSNYALTLLVIYFLQTRDPPV
LPTVSQLTQKAGEGEQVEVDGWDCSFPRDASRLEPSINVEPLSSLLAQFFSAVSSWDLRGSLLSLREGQALPVAGGLPSN
LWEGLRLGPLNLQDPFDLSHNVAANVTSRVAGRLQNCCRAAANYARSLQYQRRSSRGRDWGLLPLLQPSSPSSLLSATPI
PLPLAPFTQLTAALVQVFREALGCHIEQATKRTRSEGGGTGQGEAGKGASLPSSASWRCALWHRVWQGRRRARRRLQQQT
KEGAGGGAGTRAGWLATEAQVTQELKGLSGGEERPETEPLLSFVASVSPADRMLTVTPLQDPQGLFPDLHHFLQVFLPQA
IRHLKLEHHHHHH
;
_entity_poly.pdbx_strand_id   A,B
#
loop_
_chem_comp.id
_chem_comp.type
_chem_comp.name
_chem_comp.formula
CL non-polymer 'CHLORIDE ION' 'Cl -1'
EDO non-polymer 1,2-ETHANEDIOL 'C2 H6 O2'
MG non-polymer 'MAGNESIUM ION' 'Mg 2'
UTP non-polymer 'URIDINE 5'-TRIPHOSPHATE' 'C9 H15 N2 O15 P3'
#
# COMPACT_ATOMS: atom_id res chain seq x y z
N ASP A 6 -6.81 32.98 0.48
CA ASP A 6 -7.20 32.24 -0.72
C ASP A 6 -8.03 33.13 -1.65
N SER A 7 -7.83 32.94 -2.96
CA SER A 7 -8.51 33.67 -4.04
C SER A 7 -8.12 35.15 -4.08
N HIS A 8 -7.43 35.59 -3.04
CA HIS A 8 -6.94 36.95 -2.92
C HIS A 8 -5.44 36.89 -2.86
N GLN A 9 -4.94 36.22 -1.82
CA GLN A 9 -3.51 35.98 -1.65
C GLN A 9 -2.91 35.28 -2.86
N LEU A 10 -3.65 34.36 -3.45
CA LEU A 10 -3.18 33.60 -4.61
C LEU A 10 -2.97 34.50 -5.83
N ALA A 11 -3.95 35.35 -6.09
CA ALA A 11 -3.90 36.26 -7.23
C ALA A 11 -2.68 37.17 -7.16
N LYS A 12 -2.48 37.79 -6.01
CA LYS A 12 -1.37 38.72 -5.84
C LYS A 12 -0.04 37.98 -5.75
N ALA A 13 -0.07 36.73 -5.29
CA ALA A 13 1.15 35.93 -5.22
C ALA A 13 1.63 35.53 -6.61
N LEU A 14 0.68 35.22 -7.49
CA LEU A 14 1.00 34.84 -8.86
C LEU A 14 1.33 36.07 -9.70
N ALA A 15 0.70 37.19 -9.39
CA ALA A 15 0.95 38.42 -10.11
C ALA A 15 2.36 38.92 -9.82
N GLU A 16 2.80 38.71 -8.57
CA GLU A 16 4.08 39.22 -8.12
C GLU A 16 5.29 38.53 -8.73
N ALA A 17 5.13 37.28 -9.15
CA ALA A 17 6.31 36.45 -9.42
C ALA A 17 6.69 36.31 -10.88
N ALA A 18 7.78 36.99 -11.25
CA ALA A 18 8.59 36.67 -12.44
C ALA A 18 7.80 36.37 -13.71
N ASP A 19 8.01 35.16 -14.25
CA ASP A 19 7.35 34.71 -15.47
C ASP A 19 6.24 33.69 -15.17
N VAL A 20 5.64 33.15 -16.24
CA VAL A 20 4.59 32.15 -16.12
C VAL A 20 5.06 30.87 -15.41
N GLY A 21 6.26 30.42 -15.75
CA GLY A 21 6.81 29.22 -15.12
C GLY A 21 6.94 29.38 -13.61
N ALA A 22 7.39 30.56 -13.19
CA ALA A 22 7.50 30.89 -11.78
C ALA A 22 6.12 30.89 -11.13
N GLN A 23 5.10 31.29 -11.89
CA GLN A 23 3.72 31.28 -11.42
C GLN A 23 3.20 29.86 -11.21
N MET A 24 3.54 28.97 -12.14
CA MET A 24 3.10 27.58 -12.05
C MET A 24 3.74 26.92 -10.83
N ILE A 25 5.05 27.12 -10.69
CA ILE A 25 5.82 26.62 -9.55
C ILE A 25 5.27 27.16 -8.22
N LYS A 26 5.04 28.47 -8.17
CA LYS A 26 4.47 29.12 -6.99
C LYS A 26 3.09 28.54 -6.66
N LEU A 27 2.32 28.25 -7.70
CA LEU A 27 0.99 27.66 -7.55
C LEU A 27 1.10 26.29 -6.89
N VAL A 28 2.09 25.51 -7.32
CA VAL A 28 2.37 24.24 -6.67
C VAL A 28 2.67 24.45 -5.19
N GLY A 29 3.52 25.44 -4.91
CA GLY A 29 3.88 25.75 -3.55
C GLY A 29 2.69 26.12 -2.67
N LEU A 30 1.76 26.87 -3.25
CA LEU A 30 0.59 27.36 -2.51
C LEU A 30 -0.53 26.34 -2.34
N ARG A 31 -0.75 25.50 -3.35
CA ARG A 31 -1.87 24.56 -3.28
C ARG A 31 -1.58 23.27 -2.49
N GLU A 32 -0.32 22.83 -2.46
CA GLU A 32 0.00 21.54 -1.84
C GLU A 32 -0.23 21.55 -0.33
N LEU A 33 -0.46 20.36 0.22
CA LEU A 33 -0.74 20.19 1.64
C LEU A 33 0.45 20.63 2.50
N SER A 34 0.13 21.29 3.61
CA SER A 34 1.16 21.69 4.57
C SER A 34 1.60 20.49 5.42
N GLU A 35 2.58 20.72 6.27
CA GLU A 35 3.08 19.66 7.14
C GLU A 35 2.05 19.32 8.22
N ALA A 36 1.29 20.33 8.63
CA ALA A 36 0.24 20.12 9.61
C ALA A 36 -0.90 19.30 9.02
N GLU A 37 -1.25 19.58 7.77
CA GLU A 37 -2.30 18.82 7.08
C GLU A 37 -1.92 17.35 6.92
N ARG A 38 -0.66 17.11 6.56
CA ARG A 38 -0.15 15.75 6.44
C ARG A 38 -0.09 15.07 7.80
N GLN A 39 0.25 15.83 8.83
CA GLN A 39 0.26 15.31 10.20
C GLN A 39 -1.14 14.80 10.56
N LEU A 40 -2.12 15.67 10.33
CA LEU A 40 -3.52 15.37 10.57
C LEU A 40 -3.97 14.11 9.83
N ARG A 41 -3.64 14.04 8.54
CA ARG A 41 -3.99 12.90 7.72
C ARG A 41 -3.38 11.60 8.24
N SER A 42 -2.09 11.64 8.56
CA SER A 42 -1.37 10.48 9.09
C SER A 42 -2.02 10.00 10.37
N LEU A 43 -2.42 10.95 11.20
CA LEU A 43 -3.10 10.65 12.46
C LEU A 43 -4.42 9.93 12.22
N VAL A 44 -5.22 10.44 11.30
CA VAL A 44 -6.51 9.81 10.99
C VAL A 44 -6.33 8.40 10.44
N VAL A 45 -5.40 8.26 9.49
CA VAL A 45 -5.03 6.96 8.94
C VAL A 45 -4.60 6.01 10.05
N ALA A 46 -3.93 6.54 11.06
CA ALA A 46 -3.49 5.73 12.18
C ALA A 46 -4.69 5.23 12.98
N LEU A 47 -5.66 6.12 13.22
CA LEU A 47 -6.89 5.73 13.91
C LEU A 47 -7.65 4.63 13.18
N MET A 48 -7.86 4.85 11.89
CA MET A 48 -8.46 3.87 11.00
C MET A 48 -7.74 2.54 11.14
N GLN A 49 -6.42 2.60 11.06
CA GLN A 49 -5.57 1.42 11.15
C GLN A 49 -5.78 0.67 12.46
N GLU A 50 -5.91 1.42 13.55
CA GLU A 50 -6.08 0.83 14.87
C GLU A 50 -7.40 0.10 15.00
N VAL A 51 -8.49 0.76 14.62
CA VAL A 51 -9.81 0.12 14.75
C VAL A 51 -9.97 -1.07 13.80
N PHE A 52 -9.48 -0.92 12.57
CA PHE A 52 -9.57 -2.02 11.62
C PHE A 52 -8.68 -3.18 12.02
N THR A 53 -7.57 -2.87 12.68
CA THR A 53 -6.71 -3.92 13.24
C THR A 53 -7.45 -4.64 14.36
N GLU A 54 -8.20 -3.87 15.15
CA GLU A 54 -9.03 -4.44 16.20
C GLU A 54 -10.03 -5.45 15.62
N PHE A 55 -10.66 -5.09 14.50
CA PHE A 55 -11.58 -6.01 13.83
C PHE A 55 -10.91 -7.06 12.94
N PHE A 56 -9.88 -6.66 12.21
CA PHE A 56 -9.17 -7.55 11.29
C PHE A 56 -7.71 -7.68 11.68
N PRO A 57 -7.38 -8.67 12.52
CA PRO A 57 -6.00 -8.84 12.97
C PRO A 57 -5.04 -9.03 11.80
N GLY A 58 -3.96 -8.27 11.78
CA GLY A 58 -2.97 -8.37 10.73
C GLY A 58 -3.41 -7.74 9.42
N CYS A 59 -4.15 -6.65 9.50
CA CYS A 59 -4.59 -5.93 8.32
C CYS A 59 -3.79 -4.65 8.17
N VAL A 60 -3.61 -4.21 6.94
CA VAL A 60 -2.89 -2.97 6.68
C VAL A 60 -3.78 -1.95 5.99
N VAL A 61 -3.78 -0.72 6.52
CA VAL A 61 -4.47 0.39 5.87
C VAL A 61 -3.47 1.19 5.05
N HIS A 62 -3.64 1.14 3.73
CA HIS A 62 -2.77 1.83 2.79
C HIS A 62 -3.38 3.13 2.28
N PRO A 63 -2.73 4.26 2.58
CA PRO A 63 -3.20 5.49 1.92
C PRO A 63 -2.88 5.45 0.44
N PHE A 64 -3.77 5.97 -0.40
CA PHE A 64 -3.44 6.12 -1.80
C PHE A 64 -4.09 7.37 -2.39
N GLY A 65 -3.81 7.62 -3.67
CA GLY A 65 -4.39 8.75 -4.36
C GLY A 65 -3.69 10.07 -4.08
N SER A 66 -4.48 11.15 -4.09
CA SER A 66 -3.95 12.50 -3.98
C SER A 66 -2.98 12.68 -2.82
N SER A 67 -3.23 11.98 -1.72
CA SER A 67 -2.41 12.12 -0.53
C SER A 67 -0.98 11.60 -0.71
N ILE A 68 -0.83 10.43 -1.34
CA ILE A 68 0.50 9.89 -1.63
C ILE A 68 1.05 10.07 -3.06
N ASN A 69 0.26 10.60 -3.99
CA ASN A 69 0.69 10.64 -5.39
C ASN A 69 1.36 11.93 -5.83
N SER A 70 1.59 12.84 -4.87
CA SER A 70 2.34 14.09 -5.08
C SER A 70 1.54 15.20 -5.78
N PHE A 71 0.30 14.91 -6.15
CA PHE A 71 -0.59 15.92 -6.74
C PHE A 71 -1.58 16.52 -5.73
N ASP A 72 -1.36 16.21 -4.45
CA ASP A 72 -2.17 16.73 -3.35
C ASP A 72 -2.38 18.24 -3.35
N VAL A 73 -3.63 18.66 -3.08
CA VAL A 73 -3.92 20.07 -2.81
C VAL A 73 -4.80 20.19 -1.57
N HIS A 74 -4.94 21.41 -1.06
CA HIS A 74 -5.73 21.65 0.14
C HIS A 74 -7.16 21.15 0.00
N GLY A 75 -7.63 20.44 1.01
CA GLY A 75 -9.00 19.99 1.07
C GLY A 75 -9.29 18.74 0.25
N CYS A 76 -8.25 18.13 -0.31
CA CYS A 76 -8.43 16.94 -1.15
C CYS A 76 -8.86 15.72 -0.34
N ASP A 77 -9.38 14.71 -0.99
CA ASP A 77 -9.86 13.56 -0.28
C ASP A 77 -8.77 12.76 0.33
N LEU A 78 -9.15 11.95 1.26
CA LEU A 78 -8.22 10.98 1.83
C LEU A 78 -8.68 9.58 1.47
N ASP A 79 -7.97 8.93 0.55
CA ASP A 79 -8.39 7.62 0.04
C ASP A 79 -7.62 6.47 0.70
N LEU A 80 -8.36 5.49 1.21
CA LEU A 80 -7.76 4.39 1.95
C LEU A 80 -8.12 3.02 1.39
N PHE A 81 -7.09 2.23 1.10
CA PHE A 81 -7.26 0.85 0.69
C PHE A 81 -7.05 -0.06 1.89
N LEU A 82 -7.96 -1.02 2.08
CA LEU A 82 -7.87 -1.92 3.23
C LEU A 82 -7.42 -3.31 2.82
N ASP A 83 -6.22 -3.70 3.22
CA ASP A 83 -5.68 -5.01 2.89
C ASP A 83 -5.83 -5.99 4.05
N LEU A 84 -6.49 -7.11 3.77
CA LEU A 84 -6.80 -8.10 4.79
C LEU A 84 -5.91 -9.33 4.71
N THR A 120 -20.52 -18.84 -8.77
CA THR A 120 -19.73 -17.94 -7.97
C THR A 120 -19.72 -16.55 -8.57
N PRO A 121 -20.55 -16.34 -9.69
CA PRO A 121 -20.50 -14.97 -10.21
C PRO A 121 -21.18 -14.01 -9.25
N LYS A 122 -22.50 -14.10 -9.21
CA LYS A 122 -23.24 -13.26 -8.31
C LYS A 122 -22.81 -13.57 -6.88
N GLU A 123 -22.44 -14.81 -6.63
CA GLU A 123 -22.00 -15.17 -5.31
C GLU A 123 -20.88 -14.27 -4.90
N GLU A 124 -19.82 -14.24 -5.69
CA GLU A 124 -18.67 -13.44 -5.33
C GLU A 124 -18.98 -11.95 -5.32
N LYS A 125 -19.82 -11.50 -6.23
CA LYS A 125 -20.20 -10.11 -6.18
C LYS A 125 -20.76 -9.78 -4.82
N ALA A 126 -21.70 -10.58 -4.36
CA ALA A 126 -22.41 -10.30 -3.13
C ALA A 126 -21.57 -10.55 -1.90
N GLU A 127 -20.61 -11.43 -2.00
CA GLU A 127 -19.75 -11.69 -0.88
C GLU A 127 -18.98 -10.43 -0.70
N GLY A 128 -18.54 -9.87 -1.82
CA GLY A 128 -17.77 -8.66 -1.79
C GLY A 128 -18.64 -7.61 -1.20
N ALA A 129 -19.86 -7.50 -1.68
CA ALA A 129 -20.74 -6.44 -1.23
C ALA A 129 -21.03 -6.50 0.22
N ALA A 130 -20.98 -7.69 0.80
CA ALA A 130 -21.32 -7.90 2.19
C ALA A 130 -20.18 -7.43 3.05
N MET A 131 -18.99 -7.74 2.62
CA MET A 131 -17.80 -7.32 3.35
C MET A 131 -17.80 -5.80 3.45
N LEU A 132 -18.18 -5.14 2.36
CA LEU A 132 -18.19 -3.68 2.34
C LEU A 132 -19.06 -3.14 3.47
N GLU A 133 -20.28 -3.67 3.59
CA GLU A 133 -21.19 -3.24 4.65
C GLU A 133 -20.53 -3.40 6.01
N LEU A 134 -19.84 -4.52 6.19
CA LEU A 134 -19.16 -4.79 7.45
C LEU A 134 -18.21 -3.64 7.73
N VAL A 135 -17.37 -3.33 6.75
CA VAL A 135 -16.44 -2.21 6.88
C VAL A 135 -17.22 -0.95 7.23
N GLY A 136 -18.31 -0.73 6.51
CA GLY A 136 -19.18 0.42 6.73
C GLY A 136 -19.65 0.44 8.18
N SER A 137 -20.12 -0.70 8.64
CA SER A 137 -20.65 -0.81 9.99
C SER A 137 -19.56 -0.53 11.03
N ILE A 138 -18.32 -0.80 10.67
CA ILE A 138 -17.21 -0.52 11.57
C ILE A 138 -16.93 0.98 11.57
N LEU A 139 -17.04 1.60 10.39
CA LEU A 139 -16.82 3.02 10.28
C LEU A 139 -17.94 3.78 10.97
N ARG A 140 -19.14 3.24 10.86
CA ARG A 140 -20.33 3.87 11.40
C ARG A 140 -20.30 3.93 12.93
N GLY A 141 -20.12 2.78 13.57
CA GLY A 141 -20.19 2.72 15.02
C GLY A 141 -18.98 2.45 15.89
N CYS A 142 -17.78 2.37 15.32
CA CYS A 142 -16.61 1.95 16.10
C CYS A 142 -15.49 2.97 16.17
N VAL A 143 -14.88 3.28 15.02
CA VAL A 143 -13.85 4.31 14.98
C VAL A 143 -14.50 5.65 15.32
N PRO A 144 -14.05 6.28 16.42
CA PRO A 144 -14.66 7.52 16.90
C PRO A 144 -14.35 8.72 16.02
N GLY A 145 -15.34 9.59 15.84
CA GLY A 145 -15.14 10.83 15.11
C GLY A 145 -15.66 10.84 13.68
N VAL A 146 -15.86 9.68 13.09
CA VAL A 146 -16.37 9.63 11.73
C VAL A 146 -17.89 9.48 11.73
N TYR A 147 -18.56 10.38 11.02
CA TYR A 147 -20.02 10.43 11.06
C TYR A 147 -20.65 10.08 9.70
N ARG A 148 -20.38 10.86 8.66
CA ARG A 148 -20.97 10.54 7.37
C ARG A 148 -20.37 9.23 6.87
N VAL A 149 -21.21 8.22 6.69
CA VAL A 149 -20.76 6.93 6.16
C VAL A 149 -21.77 6.41 5.16
N GLN A 150 -21.34 6.24 3.91
CA GLN A 150 -22.24 5.70 2.92
C GLN A 150 -21.56 4.62 2.09
N THR A 151 -22.08 3.41 2.16
CA THR A 151 -21.58 2.32 1.33
C THR A 151 -22.04 2.52 -0.11
N VAL A 152 -21.12 2.27 -1.04
CA VAL A 152 -21.39 2.39 -2.47
C VAL A 152 -20.86 1.14 -3.19
N PRO A 153 -21.62 0.04 -3.12
CA PRO A 153 -21.31 -1.19 -3.87
C PRO A 153 -21.59 -1.00 -5.36
N SER A 154 -22.43 -0.04 -5.68
CA SER A 154 -22.92 0.19 -7.04
C SER A 154 -21.90 0.91 -7.92
N ALA A 155 -20.83 1.41 -7.32
CA ALA A 155 -19.77 2.07 -8.07
C ALA A 155 -18.92 1.03 -8.81
N ARG A 156 -18.19 1.47 -9.83
CA ARG A 156 -17.29 0.60 -10.57
C ARG A 156 -16.24 0.01 -9.64
N ARG A 157 -15.74 0.85 -8.74
CA ARG A 157 -14.83 0.41 -7.70
C ARG A 157 -15.54 0.63 -6.37
N PRO A 158 -16.23 -0.40 -5.86
CA PRO A 158 -17.07 -0.31 -4.67
C PRO A 158 -16.30 0.30 -3.50
N VAL A 159 -16.93 1.22 -2.78
CA VAL A 159 -16.20 1.97 -1.77
C VAL A 159 -17.11 2.43 -0.64
N VAL A 160 -16.55 2.67 0.53
CA VAL A 160 -17.34 3.23 1.62
C VAL A 160 -16.91 4.67 1.89
N LYS A 161 -17.80 5.61 1.60
CA LYS A 161 -17.50 7.02 1.82
C LYS A 161 -17.59 7.35 3.30
N PHE A 162 -16.66 8.17 3.78
CA PHE A 162 -16.62 8.54 5.18
C PHE A 162 -16.13 9.96 5.37
N ALA A 163 -16.43 10.53 6.53
CA ALA A 163 -15.88 11.82 6.93
C ALA A 163 -15.52 11.80 8.41
N HIS A 164 -14.30 12.23 8.73
CA HIS A 164 -13.84 12.37 10.10
C HIS A 164 -14.00 13.81 10.58
N ARG A 165 -14.83 13.98 11.61
CA ARG A 165 -15.27 15.28 12.12
C ARG A 165 -14.16 16.15 12.75
N PRO A 166 -13.39 15.61 13.72
CA PRO A 166 -12.41 16.49 14.36
C PRO A 166 -11.32 16.98 13.40
N SER A 167 -10.93 16.15 12.45
CA SER A 167 -9.89 16.52 11.49
C SER A 167 -10.47 17.27 10.29
N GLY A 168 -11.78 17.24 10.17
CA GLY A 168 -12.46 17.84 9.03
C GLY A 168 -12.18 17.08 7.74
N LEU A 169 -11.61 15.88 7.89
CA LEU A 169 -11.20 15.10 6.73
C LEU A 169 -12.35 14.31 6.13
N HIS A 170 -12.23 13.95 4.86
CA HIS A 170 -13.22 13.09 4.21
C HIS A 170 -12.58 12.23 3.11
N GLY A 171 -13.12 11.04 2.89
CA GLY A 171 -12.57 10.18 1.86
C GLY A 171 -13.28 8.86 1.64
N ASP A 172 -12.56 7.95 1.00
CA ASP A 172 -13.06 6.64 0.58
C ASP A 172 -12.29 5.51 1.25
N VAL A 173 -13.00 4.49 1.71
CA VAL A 173 -12.36 3.24 2.11
C VAL A 173 -12.68 2.14 1.11
N SER A 174 -11.64 1.67 0.41
CA SER A 174 -11.82 0.70 -0.66
C SER A 174 -11.31 -0.67 -0.24
N LEU A 175 -12.20 -1.67 -0.28
CA LEU A 175 -11.81 -3.02 0.11
C LEU A 175 -10.81 -3.62 -0.86
N SER A 176 -11.17 -3.71 -2.13
CA SER A 176 -10.14 -3.99 -3.13
C SER A 176 -10.18 -3.08 -4.34
N ASN A 177 -9.27 -2.12 -4.37
CA ASN A 177 -8.64 -1.68 -5.60
C ASN A 177 -7.16 -1.62 -5.26
N ARG A 178 -6.41 -2.63 -5.68
CA ARG A 178 -5.01 -2.69 -5.32
C ARG A 178 -4.20 -1.91 -6.35
N LEU A 179 -4.80 -1.78 -7.53
CA LEU A 179 -4.17 -1.06 -8.63
C LEU A 179 -3.94 0.38 -8.25
N ALA A 180 -4.85 0.92 -7.45
CA ALA A 180 -4.77 2.31 -6.99
C ALA A 180 -3.44 2.62 -6.30
N LEU A 181 -2.97 1.71 -5.44
CA LEU A 181 -1.67 1.85 -4.80
C LEU A 181 -0.57 2.05 -5.83
N HIS A 182 -0.56 1.16 -6.82
CA HIS A 182 0.47 1.17 -7.84
C HIS A 182 0.39 2.36 -8.80
N ASN A 183 -0.81 2.80 -9.15
CA ASN A 183 -0.92 3.94 -10.07
C ASN A 183 -0.63 5.24 -9.32
N SER A 184 -0.90 5.25 -8.02
CA SER A 184 -0.51 6.36 -7.16
C SER A 184 1.00 6.46 -7.16
N ARG A 185 1.65 5.33 -6.87
CA ARG A 185 3.10 5.27 -6.92
C ARG A 185 3.64 5.70 -8.29
N PHE A 186 2.90 5.35 -9.34
CA PHE A 186 3.29 5.69 -10.70
C PHE A 186 3.20 7.20 -10.94
N LEU A 187 2.15 7.84 -10.43
CA LEU A 187 2.02 9.29 -10.56
C LEU A 187 3.15 10.00 -9.80
N SER A 188 3.44 9.53 -8.58
CA SER A 188 4.52 10.12 -7.79
C SER A 188 5.85 9.99 -8.52
N LEU A 189 6.07 8.80 -9.10
CA LEU A 189 7.27 8.54 -9.87
C LEU A 189 7.34 9.47 -11.07
N ALA A 190 6.20 9.70 -11.69
CA ALA A 190 6.11 10.60 -12.85
C ALA A 190 6.57 12.00 -12.47
N SER A 191 6.10 12.48 -11.33
CA SER A 191 6.57 13.77 -10.81
C SER A 191 8.09 13.75 -10.54
N GLU A 192 8.60 12.60 -10.09
CA GLU A 192 10.03 12.49 -9.80
C GLU A 192 10.90 12.46 -11.07
N LEU A 193 10.34 11.96 -12.17
CA LEU A 193 11.10 11.81 -13.42
C LEU A 193 11.45 13.14 -14.05
N ASP A 194 10.53 14.10 -13.99
CA ASP A 194 10.78 15.42 -14.56
C ASP A 194 10.19 16.50 -13.67
N GLY A 195 10.92 17.59 -13.52
CA GLY A 195 10.51 18.66 -12.62
C GLY A 195 9.39 19.54 -13.15
N ARG A 196 9.05 19.39 -14.43
CA ARG A 196 7.99 20.19 -15.04
C ARG A 196 6.60 19.57 -14.87
N VAL A 197 6.58 18.29 -14.52
CA VAL A 197 5.34 17.55 -14.43
C VAL A 197 4.40 18.13 -13.40
N ARG A 198 4.88 18.29 -12.17
CA ARG A 198 4.00 18.77 -11.09
C ARG A 198 3.48 20.20 -11.36
N PRO A 199 4.34 21.14 -11.78
CA PRO A 199 3.79 22.45 -12.14
C PRO A 199 2.72 22.41 -13.25
N LEU A 200 3.00 21.62 -14.29
CA LEU A 200 2.04 21.49 -15.39
C LEU A 200 0.68 20.95 -14.90
N VAL A 201 0.73 19.86 -14.15
CA VAL A 201 -0.47 19.20 -13.65
C VAL A 201 -1.24 20.10 -12.70
N TYR A 202 -0.54 20.80 -11.80
CA TYR A 202 -1.20 21.69 -10.85
C TYR A 202 -1.91 22.83 -11.56
N THR A 203 -1.20 23.49 -12.47
CA THR A 203 -1.77 24.58 -13.24
C THR A 203 -2.99 24.11 -14.04
N LEU A 204 -2.85 23.00 -14.76
CA LEU A 204 -3.92 22.52 -15.60
C LEU A 204 -5.12 22.01 -14.80
N ARG A 205 -4.85 21.54 -13.58
CA ARG A 205 -5.91 21.07 -12.70
C ARG A 205 -6.74 22.25 -12.22
N ALA A 206 -6.06 23.27 -11.70
CA ALA A 206 -6.78 24.48 -11.27
C ALA A 206 -7.55 25.10 -12.44
N TRP A 207 -6.92 25.15 -13.60
CA TRP A 207 -7.54 25.70 -14.80
C TRP A 207 -8.81 24.94 -15.17
N ALA A 208 -8.72 23.61 -15.20
CA ALA A 208 -9.85 22.75 -15.55
C ALA A 208 -10.98 22.91 -14.53
N GLN A 209 -10.64 23.06 -13.26
CA GLN A 209 -11.63 23.34 -12.23
C GLN A 209 -12.36 24.64 -12.55
N GLY A 210 -11.59 25.66 -12.93
CA GLY A 210 -12.16 26.95 -13.27
C GLY A 210 -13.00 26.95 -14.52
N ARG A 211 -12.72 26.05 -15.44
CA ARG A 211 -13.45 25.98 -16.70
C ARG A 211 -14.64 25.04 -16.62
N GLY A 212 -14.80 24.37 -15.49
CA GLY A 212 -15.89 23.44 -15.30
C GLY A 212 -15.67 22.14 -16.04
N LEU A 213 -14.40 21.78 -16.26
CA LEU A 213 -14.05 20.57 -17.00
C LEU A 213 -13.79 19.36 -16.11
N SER A 214 -13.68 19.58 -14.80
CA SER A 214 -13.32 18.49 -13.89
C SER A 214 -14.18 18.45 -12.63
N GLY A 215 -14.39 17.25 -12.10
CA GLY A 215 -15.26 17.04 -10.95
C GLY A 215 -15.73 15.60 -10.84
N SER A 216 -16.79 15.38 -10.06
CA SER A 216 -17.29 14.03 -9.80
C SER A 216 -18.47 13.64 -10.70
N GLY A 217 -18.84 14.51 -11.62
CA GLY A 217 -19.97 14.28 -12.51
C GLY A 217 -19.56 13.66 -13.83
N PRO A 218 -20.25 14.04 -14.91
CA PRO A 218 -19.84 13.75 -16.29
C PRO A 218 -18.49 14.37 -16.65
N LEU A 219 -18.02 15.28 -15.79
CA LEU A 219 -16.70 15.88 -15.94
C LEU A 219 -15.55 14.89 -15.70
N LEU A 220 -14.36 15.24 -16.18
CA LEU A 220 -13.16 14.43 -15.96
C LEU A 220 -12.74 14.39 -14.50
N SER A 221 -12.43 13.20 -14.00
CA SER A 221 -11.85 13.08 -12.67
C SER A 221 -10.45 13.68 -12.68
N ASN A 222 -9.96 14.02 -11.51
CA ASN A 222 -8.66 14.61 -11.36
C ASN A 222 -7.58 13.65 -11.78
N TYR A 223 -7.84 12.38 -11.57
CA TYR A 223 -6.96 11.29 -11.99
C TYR A 223 -6.85 11.24 -13.52
N ALA A 224 -8.00 11.34 -14.18
CA ALA A 224 -8.04 11.31 -15.65
C ALA A 224 -7.36 12.52 -16.27
N LEU A 225 -7.53 13.67 -15.64
CA LEU A 225 -6.90 14.89 -16.10
C LEU A 225 -5.37 14.79 -15.98
N THR A 226 -4.92 14.25 -14.85
CA THR A 226 -3.51 14.04 -14.61
C THR A 226 -2.94 13.09 -15.66
N LEU A 227 -3.66 12.00 -15.89
CA LEU A 227 -3.29 11.01 -16.90
C LEU A 227 -3.21 11.64 -18.28
N LEU A 228 -4.10 12.59 -18.55
CA LEU A 228 -4.12 13.29 -19.82
C LEU A 228 -2.89 14.18 -19.96
N VAL A 229 -2.52 14.86 -18.88
CA VAL A 229 -1.33 15.69 -18.90
C VAL A 229 -0.09 14.85 -19.14
N ILE A 230 0.02 13.75 -18.40
CA ILE A 230 1.14 12.83 -18.54
C ILE A 230 1.19 12.27 -19.97
N TYR A 231 0.02 11.94 -20.50
CA TYR A 231 -0.07 11.44 -21.86
C TYR A 231 0.46 12.47 -22.83
N PHE A 232 0.08 13.72 -22.61
CA PHE A 232 0.57 14.83 -23.42
C PHE A 232 2.10 14.93 -23.35
N LEU A 233 2.65 14.75 -22.15
CA LEU A 233 4.09 14.82 -21.96
C LEU A 233 4.82 13.63 -22.58
N GLN A 234 4.10 12.52 -22.79
CA GLN A 234 4.70 11.34 -23.41
C GLN A 234 4.82 11.49 -24.93
N THR A 235 3.94 12.29 -25.52
CA THR A 235 3.82 12.38 -26.97
C THR A 235 4.59 13.55 -27.59
N ARG A 236 5.34 14.29 -26.78
CA ARG A 236 6.11 15.42 -27.28
C ARG A 236 7.28 14.95 -28.13
N ASP A 237 7.75 15.80 -29.06
CA ASP A 237 8.71 15.37 -30.08
C ASP A 237 9.98 14.79 -29.44
N PRO A 238 10.74 15.60 -28.67
CA PRO A 238 11.41 14.76 -27.68
C PRO A 238 10.39 14.46 -26.60
N PRO A 239 10.31 13.21 -26.11
CA PRO A 239 9.36 12.99 -25.01
C PRO A 239 9.87 13.58 -23.70
N VAL A 240 8.97 14.19 -22.93
CA VAL A 240 9.28 14.65 -21.58
C VAL A 240 9.22 13.48 -20.61
N LEU A 241 8.22 12.63 -20.80
CA LEU A 241 8.04 11.44 -19.99
C LEU A 241 8.08 10.20 -20.87
N PRO A 242 8.57 9.08 -20.31
CA PRO A 242 8.57 7.79 -20.99
C PRO A 242 7.19 7.14 -21.01
N THR A 243 7.02 6.13 -21.87
CA THR A 243 5.79 5.34 -21.87
C THR A 243 5.83 4.34 -20.72
N VAL A 244 4.67 3.88 -20.27
CA VAL A 244 4.59 2.89 -19.19
C VAL A 244 5.13 1.55 -19.66
N SER A 245 5.05 1.30 -20.96
CA SER A 245 5.65 0.12 -21.56
C SER A 245 7.16 0.11 -21.34
N GLN A 246 7.78 1.26 -21.58
CA GLN A 246 9.22 1.44 -21.35
C GLN A 246 9.59 1.20 -19.89
N LEU A 247 8.80 1.77 -18.97
CA LEU A 247 9.03 1.57 -17.55
C LEU A 247 8.94 0.10 -17.21
N THR A 248 7.93 -0.56 -17.75
CA THR A 248 7.68 -1.98 -17.53
C THR A 248 8.87 -2.83 -17.99
N GLN A 249 9.47 -2.44 -19.11
CA GLN A 249 10.64 -3.18 -19.58
C GLN A 249 11.90 -2.87 -18.76
N LYS A 250 12.02 -1.63 -18.29
CA LYS A 250 13.15 -1.28 -17.43
C LYS A 250 13.04 -2.01 -16.11
N ALA A 251 11.92 -1.81 -15.42
CA ALA A 251 11.55 -2.61 -14.26
C ALA A 251 12.72 -2.85 -13.33
N GLY A 252 12.96 -4.13 -13.03
CA GLY A 252 14.06 -4.56 -12.21
C GLY A 252 13.73 -5.90 -11.58
N GLU A 253 14.70 -6.48 -10.89
CA GLU A 253 14.48 -7.74 -10.20
C GLU A 253 13.73 -7.46 -8.90
N GLY A 254 12.71 -8.27 -8.62
CA GLY A 254 11.91 -8.09 -7.44
C GLY A 254 10.88 -6.98 -7.58
N GLU A 255 10.99 -6.20 -8.66
CA GLU A 255 10.04 -5.13 -8.94
C GLU A 255 8.91 -5.61 -9.85
N GLN A 256 8.93 -6.91 -10.16
CA GLN A 256 7.88 -7.53 -10.96
C GLN A 256 6.63 -7.78 -10.09
N VAL A 257 5.50 -7.21 -10.51
CA VAL A 257 4.27 -7.38 -9.77
C VAL A 257 3.05 -7.38 -10.68
N GLU A 258 2.08 -8.25 -10.40
CA GLU A 258 0.85 -8.29 -11.17
C GLU A 258 -0.37 -8.24 -10.26
N VAL A 259 -1.31 -7.37 -10.60
CA VAL A 259 -2.52 -7.21 -9.80
C VAL A 259 -3.77 -7.29 -10.68
N ASP A 260 -4.65 -8.23 -10.34
CA ASP A 260 -5.90 -8.46 -11.07
C ASP A 260 -5.65 -8.85 -12.52
N GLY A 261 -4.49 -9.43 -12.80
CA GLY A 261 -4.15 -9.89 -14.13
C GLY A 261 -3.50 -8.83 -15.00
N TRP A 262 -3.10 -7.73 -14.38
CA TRP A 262 -2.43 -6.64 -15.08
C TRP A 262 -1.01 -6.43 -14.55
N ASP A 263 -0.11 -6.02 -15.43
CA ASP A 263 1.29 -5.86 -15.04
C ASP A 263 1.56 -4.44 -14.55
N CYS A 264 1.84 -4.33 -13.25
CA CYS A 264 2.05 -3.03 -12.58
C CYS A 264 3.52 -2.67 -12.45
N SER A 265 4.40 -3.49 -13.01
CA SER A 265 5.82 -3.38 -12.75
C SER A 265 6.45 -2.10 -13.34
N PHE A 266 7.08 -1.31 -12.47
CA PHE A 266 7.94 -0.21 -12.88
C PHE A 266 9.05 0.02 -11.85
N PRO A 267 10.18 0.63 -12.27
CA PRO A 267 11.29 0.91 -11.35
C PRO A 267 10.88 1.77 -10.15
N ARG A 268 11.39 1.44 -8.97
CA ARG A 268 10.95 2.11 -7.76
C ARG A 268 11.61 3.48 -7.56
N ASP A 269 12.85 3.63 -8.01
CA ASP A 269 13.52 4.91 -7.87
C ASP A 269 13.82 5.50 -9.25
N ALA A 270 13.67 6.82 -9.35
CA ALA A 270 13.88 7.52 -10.61
C ALA A 270 15.36 7.63 -10.95
N SER A 271 16.22 7.25 -10.02
CA SER A 271 17.67 7.37 -10.17
C SER A 271 18.20 6.50 -11.32
N ARG A 272 17.60 5.33 -11.50
CA ARG A 272 18.05 4.38 -12.52
C ARG A 272 17.77 4.87 -13.93
N LEU A 273 16.79 5.74 -14.07
CA LEU A 273 16.30 6.15 -15.39
C LEU A 273 16.98 7.43 -15.89
N GLU A 274 17.29 7.45 -17.18
CA GLU A 274 17.93 8.59 -17.81
C GLU A 274 16.94 9.75 -17.96
N PRO A 275 17.44 11.00 -17.84
CA PRO A 275 16.59 12.19 -17.92
C PRO A 275 15.95 12.39 -19.29
N SER A 276 15.16 13.45 -19.41
CA SER A 276 14.53 13.82 -20.68
C SER A 276 15.39 14.82 -21.44
N ILE A 277 15.48 14.66 -22.76
CA ILE A 277 16.24 15.59 -23.56
C ILE A 277 15.33 16.69 -24.13
N ASN A 278 14.07 16.68 -23.71
CA ASN A 278 13.14 17.74 -24.08
C ASN A 278 13.45 19.00 -23.27
N VAL A 279 13.79 20.07 -23.97
CA VAL A 279 14.29 21.28 -23.33
C VAL A 279 13.23 22.38 -23.15
N GLU A 280 12.02 22.13 -23.63
CA GLU A 280 10.95 23.13 -23.62
C GLU A 280 10.63 23.64 -22.22
N PRO A 281 10.49 24.98 -22.08
CA PRO A 281 10.11 25.62 -20.82
C PRO A 281 8.63 25.45 -20.47
N LEU A 282 8.26 25.69 -19.22
CA LEU A 282 6.91 25.44 -18.71
C LEU A 282 5.78 26.14 -19.46
N SER A 283 5.96 27.44 -19.75
CA SER A 283 4.95 28.22 -20.45
C SER A 283 4.67 27.62 -21.82
N SER A 284 5.76 27.27 -22.50
CA SER A 284 5.68 26.60 -23.80
C SER A 284 4.86 25.32 -23.71
N LEU A 285 5.23 24.44 -22.78
CA LEU A 285 4.54 23.16 -22.63
C LEU A 285 3.06 23.33 -22.30
N LEU A 286 2.74 24.37 -21.55
CA LEU A 286 1.35 24.67 -21.20
C LEU A 286 0.56 25.04 -22.46
N ALA A 287 1.10 26.01 -23.20
CA ALA A 287 0.49 26.42 -24.46
C ALA A 287 0.31 25.24 -25.41
N GLN A 288 1.35 24.40 -25.46
CA GLN A 288 1.33 23.21 -26.30
C GLN A 288 0.26 22.22 -25.87
N PHE A 289 0.00 22.12 -24.57
CA PHE A 289 -1.07 21.26 -24.08
C PHE A 289 -2.38 21.75 -24.64
N PHE A 290 -2.66 23.03 -24.39
CA PHE A 290 -3.92 23.62 -24.85
C PHE A 290 -4.13 23.37 -26.35
N SER A 291 -3.13 23.76 -27.14
CA SER A 291 -3.19 23.59 -28.59
C SER A 291 -3.43 22.13 -28.99
N ALA A 292 -2.55 21.25 -28.52
CA ALA A 292 -2.57 19.84 -28.90
C ALA A 292 -3.91 19.20 -28.60
N VAL A 293 -4.37 19.28 -27.36
CA VAL A 293 -5.61 18.61 -26.99
C VAL A 293 -6.79 19.29 -27.67
N SER A 294 -6.63 20.57 -28.06
CA SER A 294 -7.68 21.21 -28.84
C SER A 294 -7.75 20.65 -30.25
N SER A 295 -6.62 20.17 -30.78
CA SER A 295 -6.60 19.64 -32.14
C SER A 295 -6.74 18.11 -32.28
N TRP A 296 -6.80 17.39 -31.17
CA TRP A 296 -6.87 15.92 -31.22
C TRP A 296 -8.25 15.41 -31.64
N ASP A 297 -8.29 14.24 -32.28
CA ASP A 297 -9.57 13.57 -32.51
C ASP A 297 -9.81 12.60 -31.37
N LEU A 298 -10.75 12.94 -30.51
CA LEU A 298 -10.96 12.20 -29.26
C LEU A 298 -11.78 10.93 -29.44
N ARG A 299 -12.80 10.99 -30.28
CA ARG A 299 -13.68 9.84 -30.49
C ARG A 299 -13.01 8.73 -31.28
N GLY A 300 -12.12 9.11 -32.19
CA GLY A 300 -11.44 8.12 -33.02
C GLY A 300 -10.19 7.58 -32.37
N SER A 301 -9.87 8.06 -31.16
CA SER A 301 -8.63 7.69 -30.50
C SER A 301 -8.82 7.20 -29.08
N LEU A 302 -8.18 6.07 -28.79
CA LEU A 302 -7.94 5.65 -27.42
C LEU A 302 -6.52 6.08 -27.07
N LEU A 303 -6.40 7.04 -26.17
CA LEU A 303 -5.09 7.57 -25.82
C LEU A 303 -4.43 6.64 -24.80
N SER A 304 -3.30 6.05 -25.20
CA SER A 304 -2.65 5.00 -24.43
C SER A 304 -1.40 5.50 -23.76
N LEU A 305 -1.41 5.46 -22.43
CA LEU A 305 -0.25 5.82 -21.63
C LEU A 305 0.79 4.71 -21.66
N ARG A 306 0.34 3.48 -21.92
CA ARG A 306 1.25 2.35 -22.06
C ARG A 306 2.12 2.49 -23.29
N GLU A 307 1.50 2.70 -24.45
CA GLU A 307 2.26 2.83 -25.70
C GLU A 307 2.68 4.28 -25.95
N GLY A 308 2.17 5.20 -25.15
CA GLY A 308 2.42 6.62 -25.32
C GLY A 308 1.97 7.05 -26.69
N GLN A 309 0.76 6.61 -27.06
CA GLN A 309 0.34 6.72 -28.44
C GLN A 309 -1.17 6.70 -28.57
N ALA A 310 -1.69 7.20 -29.69
CA ALA A 310 -3.13 7.17 -29.92
C ALA A 310 -3.51 5.96 -30.78
N LEU A 311 -4.28 5.05 -30.19
CA LEU A 311 -4.74 3.86 -30.89
C LEU A 311 -6.09 4.12 -31.54
N PRO A 312 -6.16 4.00 -32.87
CA PRO A 312 -7.43 4.23 -33.57
C PRO A 312 -8.52 3.26 -33.12
N VAL A 313 -9.66 3.82 -32.74
CA VAL A 313 -10.77 3.05 -32.19
C VAL A 313 -11.55 2.34 -33.29
N ALA A 314 -11.67 2.98 -34.43
CA ALA A 314 -12.47 2.44 -35.51
C ALA A 314 -11.67 1.67 -36.55
N GLY A 315 -12.12 0.46 -36.85
CA GLY A 315 -13.04 -0.21 -35.94
C GLY A 315 -12.37 -1.26 -35.07
N GLY A 316 -12.88 -1.44 -33.85
CA GLY A 316 -12.71 -2.69 -33.13
C GLY A 316 -11.34 -3.12 -32.64
N LEU A 317 -10.28 -2.42 -33.05
CA LEU A 317 -8.93 -2.89 -32.73
C LEU A 317 -8.62 -2.81 -31.23
N PRO A 318 -8.85 -1.65 -30.60
CA PRO A 318 -8.68 -1.68 -29.14
C PRO A 318 -9.82 -2.42 -28.44
N SER A 319 -10.95 -2.59 -29.14
CA SER A 319 -12.14 -3.19 -28.55
C SER A 319 -12.10 -4.72 -28.52
N ASN A 320 -11.27 -5.31 -29.36
CA ASN A 320 -11.16 -6.76 -29.45
C ASN A 320 -10.42 -7.30 -28.23
N LEU A 321 -9.15 -6.93 -28.12
CA LEU A 321 -8.37 -7.15 -26.91
C LEU A 321 -8.88 -6.25 -25.79
N TRP A 322 -8.57 -6.59 -24.54
CA TRP A 322 -8.98 -5.80 -23.37
C TRP A 322 -10.50 -5.61 -23.29
N GLU A 323 -11.24 -6.72 -23.31
CA GLU A 323 -12.68 -6.67 -23.19
C GLU A 323 -13.09 -5.95 -21.90
N GLY A 324 -14.18 -5.17 -21.97
CA GLY A 324 -14.63 -4.40 -20.84
C GLY A 324 -14.31 -2.92 -20.98
N LEU A 325 -13.61 -2.57 -22.06
CA LEU A 325 -13.26 -1.19 -22.33
C LEU A 325 -14.44 -0.41 -22.91
N ARG A 326 -14.84 0.65 -22.25
CA ARG A 326 -15.93 1.49 -22.72
C ARG A 326 -15.41 2.59 -23.59
N LEU A 327 -15.98 2.79 -24.75
CA LEU A 327 -15.57 3.84 -25.66
C LEU A 327 -16.66 4.90 -25.80
N GLY A 328 -16.24 6.14 -26.05
CA GLY A 328 -17.15 7.27 -26.06
C GLY A 328 -16.46 8.56 -26.47
N PRO A 329 -17.04 9.70 -26.09
CA PRO A 329 -16.58 11.05 -26.41
C PRO A 329 -15.08 11.28 -26.14
N LEU A 330 -14.59 10.74 -25.02
CA LEU A 330 -13.18 10.85 -24.68
C LEU A 330 -12.66 9.51 -24.18
N ASN A 331 -11.61 9.01 -24.83
CA ASN A 331 -11.07 7.71 -24.47
C ASN A 331 -9.62 7.77 -23.99
N LEU A 332 -9.43 7.51 -22.70
CA LEU A 332 -8.12 7.63 -22.09
C LEU A 332 -7.82 6.38 -21.26
N GLN A 333 -6.79 5.63 -21.68
CA GLN A 333 -6.52 4.33 -21.09
C GLN A 333 -5.62 4.42 -19.86
N ASP A 334 -6.02 3.72 -18.81
CA ASP A 334 -5.23 3.60 -17.59
C ASP A 334 -3.88 2.95 -17.93
N PRO A 335 -2.80 3.38 -17.27
CA PRO A 335 -1.47 2.80 -17.52
C PRO A 335 -1.38 1.29 -17.25
N PHE A 336 -2.26 0.75 -16.42
CA PHE A 336 -2.09 -0.62 -15.95
C PHE A 336 -3.29 -1.50 -16.26
N ASP A 337 -4.46 -1.14 -15.75
CA ASP A 337 -5.67 -1.83 -16.20
C ASP A 337 -5.95 -1.31 -17.59
N LEU A 338 -5.91 -2.20 -18.58
CA LEU A 338 -6.04 -1.77 -19.96
C LEU A 338 -7.48 -1.91 -20.46
N SER A 339 -8.33 -2.47 -19.60
CA SER A 339 -9.76 -2.56 -19.90
C SER A 339 -10.48 -1.34 -19.35
N HIS A 340 -9.71 -0.41 -18.80
CA HIS A 340 -10.26 0.75 -18.11
C HIS A 340 -10.11 2.05 -18.88
N ASN A 341 -11.22 2.60 -19.35
CA ASN A 341 -11.22 3.97 -19.86
C ASN A 341 -11.56 4.91 -18.72
N VAL A 342 -10.57 5.70 -18.29
CA VAL A 342 -10.73 6.56 -17.13
C VAL A 342 -11.61 7.77 -17.46
N ALA A 343 -11.79 8.01 -18.76
CA ALA A 343 -12.66 9.09 -19.24
C ALA A 343 -14.05 8.61 -19.67
N ALA A 344 -14.36 7.33 -19.45
CA ALA A 344 -15.60 6.74 -19.96
C ALA A 344 -16.87 7.42 -19.45
N ASN A 345 -16.75 8.16 -18.36
CA ASN A 345 -17.87 8.90 -17.76
C ASN A 345 -18.18 10.20 -18.50
N VAL A 346 -17.23 10.64 -19.31
CA VAL A 346 -17.32 11.95 -19.93
C VAL A 346 -18.33 11.95 -21.08
N THR A 347 -19.34 12.81 -20.94
CA THR A 347 -20.35 12.99 -21.98
C THR A 347 -19.80 13.84 -23.12
N SER A 348 -20.45 13.76 -24.27
CA SER A 348 -20.04 14.52 -25.46
C SER A 348 -19.95 16.02 -25.18
N ARG A 349 -20.85 16.50 -24.35
CA ARG A 349 -20.87 17.90 -23.95
C ARG A 349 -19.58 18.31 -23.24
N VAL A 350 -19.13 17.47 -22.31
CA VAL A 350 -17.94 17.76 -21.54
C VAL A 350 -16.69 17.70 -22.41
N ALA A 351 -16.65 16.75 -23.35
CA ALA A 351 -15.53 16.62 -24.26
C ALA A 351 -15.42 17.84 -25.18
N GLY A 352 -16.54 18.20 -25.77
CA GLY A 352 -16.61 19.37 -26.63
C GLY A 352 -16.20 20.64 -25.89
N ARG A 353 -16.72 20.80 -24.67
CA ARG A 353 -16.35 21.96 -23.86
C ARG A 353 -14.85 21.94 -23.54
N LEU A 354 -14.30 20.75 -23.32
CA LEU A 354 -12.88 20.59 -23.07
C LEU A 354 -12.05 21.12 -24.23
N GLN A 355 -12.33 20.62 -25.44
CA GLN A 355 -11.57 21.06 -26.61
C GLN A 355 -11.79 22.54 -26.93
N ASN A 356 -12.99 23.04 -26.68
CA ASN A 356 -13.28 24.46 -26.88
C ASN A 356 -12.51 25.36 -25.92
N CYS A 357 -12.56 25.03 -24.64
CA CYS A 357 -11.83 25.76 -23.61
C CYS A 357 -10.33 25.72 -23.90
N CYS A 358 -9.87 24.59 -24.41
CA CYS A 358 -8.45 24.44 -24.76
C CYS A 358 -8.09 25.29 -25.97
N ARG A 359 -9.01 25.41 -26.91
CA ARG A 359 -8.79 26.26 -28.07
C ARG A 359 -8.70 27.72 -27.64
N ALA A 360 -9.60 28.13 -26.76
CA ALA A 360 -9.62 29.48 -26.23
C ALA A 360 -8.35 29.80 -25.45
N ALA A 361 -7.94 28.86 -24.60
CA ALA A 361 -6.76 29.01 -23.76
C ALA A 361 -5.49 28.98 -24.62
N ALA A 362 -5.55 28.31 -25.76
CA ALA A 362 -4.43 28.26 -26.67
C ALA A 362 -4.32 29.61 -27.37
N ASN A 363 -5.46 30.20 -27.73
CA ASN A 363 -5.46 31.54 -28.29
C ASN A 363 -4.94 32.57 -27.28
N TYR A 364 -5.30 32.41 -26.02
CA TYR A 364 -4.78 33.29 -24.98
C TYR A 364 -3.29 33.10 -24.77
N ALA A 365 -2.82 31.85 -24.92
CA ALA A 365 -1.42 31.53 -24.69
C ALA A 365 -0.51 32.12 -25.77
N ARG A 366 -1.09 32.56 -26.88
CA ARG A 366 -0.30 33.20 -27.91
C ARG A 366 -0.24 34.71 -27.69
N SER A 367 -1.04 35.19 -26.74
CA SER A 367 -1.12 36.62 -26.46
C SER A 367 0.07 37.12 -25.66
N LEU A 368 0.34 38.42 -25.77
CA LEU A 368 1.46 39.04 -25.08
C LEU A 368 1.18 39.16 -23.59
N GLN A 369 -0.09 39.17 -23.23
CA GLN A 369 -0.51 39.24 -21.84
C GLN A 369 -0.11 37.98 -21.09
N TYR A 370 -0.06 36.86 -21.81
CA TYR A 370 0.28 35.57 -21.23
C TYR A 370 1.78 35.51 -20.94
N GLN A 371 2.58 35.56 -22.01
CA GLN A 371 4.03 35.42 -21.91
C GLN A 371 4.67 36.45 -20.98
N ARG A 372 4.66 37.72 -21.39
CA ARG A 372 5.30 38.78 -20.62
C ARG A 372 4.53 39.15 -19.35
N ARG A 373 5.26 39.70 -18.38
CA ARG A 373 4.67 40.17 -17.14
C ARG A 373 3.94 41.49 -17.37
N SER A 374 3.33 42.01 -16.30
CA SER A 374 2.70 43.32 -16.30
C SER A 374 3.54 44.30 -15.50
N SER A 375 3.51 45.57 -15.91
CA SER A 375 4.26 46.61 -15.22
C SER A 375 3.88 46.69 -13.74
N ARG A 376 2.69 47.20 -13.45
CA ARG A 376 2.18 47.18 -12.08
C ARG A 376 0.69 46.81 -11.99
N GLY A 377 0.40 45.71 -11.30
CA GLY A 377 -0.95 45.41 -10.88
C GLY A 377 -1.88 44.64 -11.79
N ARG A 378 -1.61 44.66 -13.09
CA ARG A 378 -2.52 44.06 -14.07
C ARG A 378 -2.48 42.53 -14.01
N ASP A 379 -3.58 41.91 -14.42
CA ASP A 379 -3.64 40.45 -14.51
C ASP A 379 -2.94 39.96 -15.77
N TRP A 380 -1.97 39.06 -15.57
CA TRP A 380 -1.13 38.57 -16.67
C TRP A 380 -0.85 37.09 -16.48
N GLY A 381 -0.38 36.43 -17.54
CA GLY A 381 0.05 35.06 -17.44
C GLY A 381 -1.02 34.08 -17.01
N LEU A 382 -0.75 33.38 -15.92
CA LEU A 382 -1.65 32.34 -15.41
C LEU A 382 -3.00 32.88 -14.94
N LEU A 383 -3.06 34.16 -14.60
CA LEU A 383 -4.22 34.71 -13.89
C LEU A 383 -5.55 34.60 -14.68
N PRO A 384 -5.59 35.02 -15.96
CA PRO A 384 -6.86 34.84 -16.68
C PRO A 384 -7.25 33.37 -16.87
N LEU A 385 -6.26 32.48 -16.90
CA LEU A 385 -6.53 31.05 -17.00
C LEU A 385 -7.14 30.54 -15.70
N LEU A 386 -6.70 31.11 -14.59
CA LEU A 386 -7.15 30.66 -13.27
C LEU A 386 -8.35 31.45 -12.76
N GLN A 387 -8.76 32.46 -13.50
CA GLN A 387 -9.94 33.25 -13.16
C GLN A 387 -11.19 32.55 -13.66
N PRO A 388 -12.35 32.80 -13.03
CA PRO A 388 -13.59 32.14 -13.43
C PRO A 388 -14.04 32.46 -14.86
N SER A 389 -14.83 31.57 -15.43
CA SER A 389 -15.30 31.71 -16.81
C SER A 389 -16.47 32.69 -16.92
N SER A 390 -16.42 33.54 -17.94
CA SER A 390 -17.51 34.45 -18.26
C SER A 390 -18.78 33.67 -18.58
N PRO A 391 -19.95 34.20 -18.19
CA PRO A 391 -21.24 33.54 -18.45
C PRO A 391 -21.44 33.24 -19.93
N SER A 392 -21.12 34.21 -20.79
CA SER A 392 -21.19 34.03 -22.23
C SER A 392 -20.15 33.01 -22.70
N SER A 393 -18.98 33.07 -22.08
CA SER A 393 -17.90 32.13 -22.41
C SER A 393 -18.22 30.72 -21.90
N LEU A 394 -18.72 30.63 -20.67
CA LEU A 394 -19.09 29.35 -20.06
C LEU A 394 -20.21 28.69 -20.86
N LEU A 395 -21.13 29.51 -21.36
CA LEU A 395 -22.26 29.03 -22.14
C LEU A 395 -21.83 28.62 -23.54
N SER A 396 -20.97 29.43 -24.16
CA SER A 396 -20.57 29.21 -25.55
C SER A 396 -19.52 28.11 -25.69
N ALA A 397 -18.81 27.81 -24.60
CA ALA A 397 -17.79 26.79 -24.63
C ALA A 397 -18.42 25.41 -24.80
N THR A 398 -19.49 25.16 -24.05
CA THR A 398 -20.20 23.89 -24.14
C THR A 398 -21.10 23.87 -25.39
N PRO A 399 -20.84 22.91 -26.29
CA PRO A 399 -21.56 22.81 -27.55
C PRO A 399 -22.97 22.22 -27.39
N ILE A 400 -23.69 22.16 -28.51
CA ILE A 400 -25.07 21.69 -28.53
C ILE A 400 -25.20 20.35 -29.25
N PRO A 401 -25.67 19.32 -28.53
CA PRO A 401 -25.88 18.00 -29.15
C PRO A 401 -26.94 18.04 -30.24
N LEU A 402 -26.59 17.50 -31.40
CA LEU A 402 -27.51 17.46 -32.52
C LEU A 402 -27.84 16.03 -32.89
N PRO A 403 -29.05 15.80 -33.43
CA PRO A 403 -29.43 14.50 -33.98
C PRO A 403 -28.39 13.99 -34.99
N LEU A 404 -28.17 12.68 -35.00
CA LEU A 404 -27.22 12.08 -35.94
C LEU A 404 -27.60 12.36 -37.37
N ALA A 405 -26.59 12.59 -38.20
CA ALA A 405 -26.76 12.89 -39.63
C ALA A 405 -25.39 13.01 -40.29
N PRO A 406 -25.31 12.70 -41.59
CA PRO A 406 -24.08 12.93 -42.34
C PRO A 406 -23.64 14.38 -42.23
N PHE A 407 -22.33 14.62 -42.15
CA PHE A 407 -21.79 15.96 -41.91
C PHE A 407 -22.31 16.98 -42.92
N THR A 408 -22.30 16.61 -44.19
CA THR A 408 -22.76 17.51 -45.25
C THR A 408 -24.24 17.88 -45.10
N GLN A 409 -25.09 16.85 -45.00
CA GLN A 409 -26.52 17.06 -44.86
C GLN A 409 -26.85 17.83 -43.58
N LEU A 410 -26.11 17.54 -42.52
CA LEU A 410 -26.31 18.21 -41.24
C LEU A 410 -25.99 19.69 -41.35
N THR A 411 -24.88 20.00 -41.99
CA THR A 411 -24.48 21.40 -42.19
C THR A 411 -25.52 22.14 -43.04
N ALA A 412 -25.95 21.52 -44.13
CA ALA A 412 -26.96 22.12 -44.99
C ALA A 412 -28.27 22.36 -44.24
N ALA A 413 -28.63 21.41 -43.39
CA ALA A 413 -29.83 21.51 -42.58
C ALA A 413 -29.74 22.71 -41.64
N LEU A 414 -28.60 22.82 -40.96
CA LEU A 414 -28.38 23.92 -40.04
C LEU A 414 -28.43 25.28 -40.75
N VAL A 415 -27.76 25.40 -41.89
CA VAL A 415 -27.78 26.67 -42.62
C VAL A 415 -29.19 26.97 -43.12
N GLN A 416 -29.98 25.93 -43.40
CA GLN A 416 -31.37 26.17 -43.76
C GLN A 416 -32.14 26.74 -42.57
N VAL A 417 -31.93 26.14 -41.39
CA VAL A 417 -32.63 26.58 -40.19
C VAL A 417 -32.25 28.01 -39.81
N PHE A 418 -31.01 28.40 -40.10
CA PHE A 418 -30.58 29.76 -39.81
C PHE A 418 -31.08 30.76 -40.85
N ARG A 419 -30.93 30.43 -42.13
CA ARG A 419 -31.31 31.30 -43.24
C ARG A 419 -32.81 31.60 -43.23
N GLU A 420 -33.61 30.54 -43.21
CA GLU A 420 -35.05 30.62 -43.10
C GLU A 420 -35.47 29.94 -41.80
N ALA A 421 -36.68 30.27 -41.31
CA ALA A 421 -37.21 29.88 -40.00
C ALA A 421 -36.60 30.75 -38.89
N LEU A 422 -35.53 31.45 -39.24
CA LEU A 422 -34.94 32.46 -38.38
C LEU A 422 -34.50 33.62 -39.28
N GLY A 423 -34.53 34.84 -38.76
CA GLY A 423 -34.27 36.01 -39.57
C GLY A 423 -32.81 36.23 -39.89
N CYS A 424 -31.98 35.24 -39.58
CA CYS A 424 -30.53 35.36 -39.70
C CYS A 424 -30.05 35.59 -41.12
N HIS A 425 -29.23 36.61 -41.29
CA HIS A 425 -28.44 36.75 -42.51
C HIS A 425 -27.13 36.03 -42.27
N ILE A 426 -26.86 34.99 -43.07
CA ILE A 426 -25.69 34.16 -42.82
C ILE A 426 -24.70 34.24 -43.97
N GLU A 427 -23.44 33.95 -43.66
CA GLU A 427 -22.40 33.91 -44.67
C GLU A 427 -21.29 32.95 -44.25
N GLN A 428 -20.52 32.47 -45.23
CA GLN A 428 -19.49 31.48 -44.95
C GLN A 428 -18.32 32.08 -44.18
N SER A 454 -13.55 21.26 -40.15
CA SER A 454 -14.85 21.59 -39.59
C SER A 454 -15.57 22.63 -40.46
N ALA A 455 -16.79 22.98 -40.07
CA ALA A 455 -17.55 23.97 -40.83
C ALA A 455 -17.98 25.13 -39.93
N SER A 456 -18.07 26.33 -40.49
CA SER A 456 -18.46 27.49 -39.69
C SER A 456 -19.22 28.54 -40.50
N TRP A 457 -20.14 29.24 -39.84
CA TRP A 457 -20.91 30.30 -40.48
C TRP A 457 -21.04 31.51 -39.58
N ARG A 458 -21.03 32.70 -40.18
CA ARG A 458 -21.26 33.93 -39.44
C ARG A 458 -22.70 34.40 -39.66
N CYS A 459 -23.39 34.67 -38.57
CA CYS A 459 -24.81 35.00 -38.60
C CYS A 459 -25.12 36.35 -37.98
N ALA A 460 -26.09 37.06 -38.56
CA ALA A 460 -26.51 38.37 -38.08
C ALA A 460 -28.03 38.48 -37.94
N LEU A 461 -28.46 39.01 -36.80
CA LEU A 461 -29.88 39.19 -36.48
C LEU A 461 -30.17 40.62 -36.07
N TRP A 462 -31.24 41.18 -36.65
CA TRP A 462 -31.71 42.51 -36.27
C TRP A 462 -32.89 42.45 -35.29
N HIS A 463 -33.29 41.25 -34.88
CA HIS A 463 -34.55 41.07 -34.16
C HIS A 463 -34.50 40.16 -32.93
N ARG A 464 -35.60 40.15 -32.21
CA ARG A 464 -35.77 39.45 -30.93
C ARG A 464 -36.16 37.99 -31.13
N VAL A 465 -35.98 37.49 -32.35
CA VAL A 465 -36.61 36.28 -32.89
C VAL A 465 -36.65 35.08 -31.93
N TRP A 466 -35.66 34.96 -31.06
CA TRP A 466 -35.65 33.88 -30.09
C TRP A 466 -36.79 33.96 -29.07
N GLN A 467 -37.42 35.13 -28.97
CA GLN A 467 -38.51 35.32 -28.01
C GLN A 467 -39.69 36.06 -28.62
N GLY A 468 -40.88 35.75 -28.14
CA GLY A 468 -42.11 36.37 -28.61
C GLY A 468 -42.85 35.45 -29.57
N ARG A 469 -42.31 34.24 -29.73
CA ARG A 469 -42.83 33.28 -30.70
C ARG A 469 -44.20 32.73 -30.32
N ARG A 470 -44.47 32.63 -29.02
CA ARG A 470 -45.76 32.12 -28.56
C ARG A 470 -46.90 33.07 -28.98
N ARG A 471 -46.77 34.35 -28.65
CA ARG A 471 -47.79 35.33 -29.06
C ARG A 471 -47.95 35.42 -30.57
N ALA A 472 -46.83 35.33 -31.29
CA ALA A 472 -46.86 35.44 -32.74
C ALA A 472 -47.58 34.25 -33.38
N ARG A 473 -47.26 33.05 -32.92
CA ARG A 473 -47.92 31.86 -33.45
C ARG A 473 -49.39 31.85 -33.06
N ARG A 474 -49.68 32.30 -31.83
CA ARG A 474 -51.07 32.43 -31.39
C ARG A 474 -51.85 33.37 -32.31
N ARG A 475 -51.29 34.54 -32.60
CA ARG A 475 -51.96 35.50 -33.47
C ARG A 475 -52.14 34.95 -34.88
N LEU A 476 -51.14 34.23 -35.38
CA LEU A 476 -51.21 33.69 -36.74
C LEU A 476 -52.24 32.58 -36.86
N GLN A 477 -52.27 31.71 -35.85
CA GLN A 477 -53.28 30.66 -35.80
C GLN A 477 -54.66 31.26 -35.55
N GLN A 478 -54.71 32.44 -34.95
CA GLN A 478 -55.97 33.17 -34.75
C GLN A 478 -56.47 33.77 -36.07
N GLN A 479 -55.53 34.26 -36.88
CA GLN A 479 -55.83 34.74 -38.21
C GLN A 479 -56.26 33.55 -39.05
N THR A 480 -55.77 32.38 -38.68
CA THR A 480 -56.15 31.13 -39.31
C THR A 480 -57.53 30.68 -38.83
N LYS A 481 -57.89 31.07 -37.61
CA LYS A 481 -59.21 30.75 -37.07
C LYS A 481 -60.26 31.57 -37.79
N GLU A 482 -60.03 32.88 -37.85
CA GLU A 482 -60.98 33.76 -38.52
C GLU A 482 -60.84 33.70 -40.04
N GLY A 483 -59.70 33.19 -40.50
CA GLY A 483 -59.44 33.08 -41.92
C GLY A 483 -59.53 31.65 -42.41
N GLY A 493 -44.09 18.85 -41.30
CA GLY A 493 -44.09 20.24 -41.74
C GLY A 493 -43.22 21.12 -40.86
N TRP A 494 -42.16 21.67 -41.45
CA TRP A 494 -41.22 22.51 -40.72
C TRP A 494 -40.49 23.47 -41.64
N LEU A 495 -39.41 24.07 -41.13
CA LEU A 495 -38.69 25.12 -41.86
C LEU A 495 -39.63 26.29 -42.15
N ALA A 496 -39.96 26.49 -43.42
CA ALA A 496 -40.74 27.64 -43.87
C ALA A 496 -41.96 27.98 -43.00
N THR A 497 -42.66 26.96 -42.51
CA THR A 497 -43.80 27.22 -41.63
C THR A 497 -43.36 28.00 -40.40
N GLU A 498 -42.35 27.51 -39.71
CA GLU A 498 -41.74 28.24 -38.59
C GLU A 498 -41.24 29.61 -39.05
N ALA A 499 -40.81 29.72 -40.31
CA ALA A 499 -40.35 31.01 -40.84
C ALA A 499 -41.47 32.03 -40.79
N GLN A 500 -42.71 31.58 -41.00
CA GLN A 500 -43.86 32.45 -40.87
C GLN A 500 -43.83 33.09 -39.48
N VAL A 501 -43.66 32.25 -38.47
CA VAL A 501 -43.60 32.70 -37.09
C VAL A 501 -42.51 33.76 -36.92
N THR A 502 -41.43 33.61 -37.66
CA THR A 502 -40.34 34.57 -37.62
C THR A 502 -40.78 35.89 -38.24
N GLN A 503 -41.37 35.83 -39.43
CA GLN A 503 -41.67 37.03 -40.19
C GLN A 503 -42.65 37.97 -39.50
N GLU A 504 -43.51 37.41 -38.66
CA GLU A 504 -44.53 38.19 -37.98
C GLU A 504 -44.05 38.69 -36.61
N LEU A 505 -42.77 38.48 -36.32
CA LEU A 505 -42.19 38.95 -35.06
C LEU A 505 -41.78 40.43 -35.13
N LYS A 506 -42.07 41.07 -36.27
CA LYS A 506 -41.71 42.46 -36.48
C LYS A 506 -42.85 43.33 -37.03
N THR A 517 -28.46 49.98 -40.74
CA THR A 517 -28.89 48.67 -40.30
C THR A 517 -27.81 47.98 -39.47
N GLU A 518 -27.76 48.30 -38.18
CA GLU A 518 -26.79 47.72 -37.27
C GLU A 518 -27.36 46.47 -36.61
N PRO A 519 -26.71 45.32 -36.81
CA PRO A 519 -27.19 44.02 -36.30
C PRO A 519 -27.43 44.04 -34.79
N LEU A 520 -28.60 43.56 -34.39
CA LEU A 520 -28.96 43.53 -32.98
C LEU A 520 -28.03 42.54 -32.25
N LEU A 521 -27.87 41.37 -32.85
CA LEU A 521 -26.99 40.34 -32.31
C LEU A 521 -26.30 39.59 -33.43
N SER A 522 -24.98 39.43 -33.34
CA SER A 522 -24.24 38.69 -34.36
C SER A 522 -23.35 37.64 -33.71
N PHE A 523 -23.41 36.42 -34.26
CA PHE A 523 -22.72 35.28 -33.64
C PHE A 523 -22.17 34.30 -34.67
N VAL A 524 -21.32 33.38 -34.22
CA VAL A 524 -20.75 32.35 -35.08
C VAL A 524 -21.27 30.96 -34.73
N ALA A 525 -21.44 30.11 -35.74
CA ALA A 525 -21.84 28.73 -35.53
C ALA A 525 -20.82 27.77 -36.14
N SER A 526 -20.30 26.84 -35.33
CA SER A 526 -19.30 25.87 -35.80
C SER A 526 -19.74 24.42 -35.59
N VAL A 527 -19.42 23.56 -36.56
CA VAL A 527 -19.70 22.14 -36.48
C VAL A 527 -18.43 21.32 -36.71
N SER A 528 -18.09 20.49 -35.72
CA SER A 528 -16.94 19.60 -35.80
C SER A 528 -17.32 18.28 -36.44
N PRO A 529 -16.40 17.68 -37.23
CA PRO A 529 -16.66 16.43 -37.94
C PRO A 529 -17.08 15.27 -37.04
N ALA A 530 -16.36 15.03 -35.94
CA ALA A 530 -16.77 13.99 -35.00
C ALA A 530 -16.48 14.37 -33.55
N ASP A 531 -17.47 14.22 -32.68
CA ASP A 531 -18.86 13.95 -33.07
C ASP A 531 -19.55 15.26 -33.44
N ARG A 532 -20.60 15.17 -34.24
CA ARG A 532 -21.21 16.39 -34.76
C ARG A 532 -21.98 17.12 -33.66
N MET A 533 -21.52 18.34 -33.38
CA MET A 533 -22.10 19.18 -32.33
C MET A 533 -21.89 20.63 -32.74
N LEU A 534 -22.84 21.48 -32.37
CA LEU A 534 -22.80 22.87 -32.79
C LEU A 534 -22.25 23.79 -31.70
N THR A 535 -21.24 24.58 -32.06
CA THR A 535 -20.67 25.56 -31.14
C THR A 535 -21.07 26.98 -31.54
N VAL A 536 -21.92 27.60 -30.72
CA VAL A 536 -22.38 28.95 -31.00
C VAL A 536 -21.71 29.97 -30.09
N THR A 537 -20.99 30.91 -30.69
CA THR A 537 -20.23 31.90 -29.93
C THR A 537 -20.60 33.33 -30.34
N PRO A 538 -20.63 34.26 -29.37
CA PRO A 538 -21.04 35.65 -29.64
C PRO A 538 -19.97 36.47 -30.36
N LEU A 539 -20.41 37.38 -31.23
CA LEU A 539 -19.51 38.34 -31.86
C LEU A 539 -19.88 39.77 -31.45
N GLN A 540 -21.00 40.26 -31.97
CA GLN A 540 -21.48 41.59 -31.60
C GLN A 540 -22.74 41.47 -30.75
N ASP A 541 -22.61 41.83 -29.48
CA ASP A 541 -23.72 41.70 -28.55
C ASP A 541 -23.85 42.93 -27.68
N PRO A 542 -24.49 43.98 -28.20
CA PRO A 542 -24.67 45.26 -27.50
C PRO A 542 -25.49 45.16 -26.23
N GLN A 543 -26.59 44.40 -26.26
CA GLN A 543 -27.50 44.33 -25.12
C GLN A 543 -27.29 43.11 -24.24
N GLY A 544 -26.32 42.27 -24.59
CA GLY A 544 -26.01 41.11 -23.77
C GLY A 544 -27.09 40.04 -23.79
N LEU A 545 -27.83 39.97 -24.89
CA LEU A 545 -28.94 39.03 -25.02
C LEU A 545 -28.52 37.72 -25.68
N PHE A 546 -27.22 37.56 -25.92
CA PHE A 546 -26.70 36.32 -26.50
C PHE A 546 -27.11 35.05 -25.76
N PRO A 547 -26.96 35.00 -24.41
CA PRO A 547 -27.34 33.76 -23.71
C PRO A 547 -28.79 33.32 -23.92
N ASP A 548 -29.72 34.27 -23.99
CA ASP A 548 -31.12 33.95 -24.25
C ASP A 548 -31.24 33.23 -25.60
N LEU A 549 -30.58 33.79 -26.60
CA LEU A 549 -30.53 33.19 -27.93
C LEU A 549 -29.92 31.80 -27.87
N HIS A 550 -28.93 31.63 -27.00
CA HIS A 550 -28.21 30.36 -26.93
C HIS A 550 -29.10 29.28 -26.33
N HIS A 551 -29.81 29.60 -25.26
CA HIS A 551 -30.74 28.65 -24.67
C HIS A 551 -31.82 28.30 -25.69
N PHE A 552 -32.31 29.33 -26.36
CA PHE A 552 -33.33 29.14 -27.39
C PHE A 552 -32.85 28.18 -28.46
N LEU A 553 -31.63 28.37 -28.94
CA LEU A 553 -31.06 27.50 -29.98
C LEU A 553 -30.88 26.09 -29.44
N GLN A 554 -30.55 26.00 -28.15
CA GLN A 554 -30.41 24.70 -27.50
C GLN A 554 -31.69 23.91 -27.59
N VAL A 555 -32.82 24.60 -27.41
CA VAL A 555 -34.11 23.92 -27.52
C VAL A 555 -34.57 23.71 -28.97
N PHE A 556 -34.39 24.74 -29.78
CA PHE A 556 -34.96 24.88 -31.11
C PHE A 556 -34.24 24.09 -32.20
N LEU A 557 -32.91 24.12 -32.18
CA LEU A 557 -32.14 23.51 -33.27
C LEU A 557 -32.25 21.98 -33.36
N PRO A 558 -32.17 21.25 -32.23
CA PRO A 558 -32.35 19.80 -32.33
C PRO A 558 -33.75 19.45 -32.86
N GLN A 559 -34.72 20.29 -32.53
CA GLN A 559 -36.09 20.13 -33.01
C GLN A 559 -36.18 20.26 -34.53
N ALA A 560 -35.55 21.32 -35.05
CA ALA A 560 -35.52 21.59 -36.47
C ALA A 560 -34.81 20.46 -37.24
N ILE A 561 -33.63 20.10 -36.76
CA ILE A 561 -32.88 19.00 -37.36
C ILE A 561 -33.73 17.73 -37.37
N ARG A 562 -34.35 17.46 -36.22
CA ARG A 562 -35.19 16.28 -36.04
C ARG A 562 -36.31 16.21 -37.07
N HIS A 563 -37.01 17.32 -37.28
CA HIS A 563 -38.08 17.35 -38.27
C HIS A 563 -37.55 17.30 -39.69
N LEU A 564 -36.31 17.74 -39.89
CA LEU A 564 -35.69 17.66 -41.21
C LEU A 564 -35.24 16.23 -41.50
N LYS A 565 -35.12 15.42 -40.45
CA LYS A 565 -34.77 14.01 -40.62
C LYS A 565 -35.99 13.25 -41.13
N LEU A 566 -37.17 13.69 -40.70
CA LEU A 566 -38.41 12.98 -40.98
C LEU A 566 -39.12 13.48 -42.23
N GLU A 567 -38.50 14.42 -42.93
CA GLU A 567 -39.04 14.89 -44.21
C GLU A 567 -38.49 14.05 -45.35
N HIS A 568 -37.55 13.16 -45.03
CA HIS A 568 -37.04 12.20 -45.99
C HIS A 568 -37.81 10.89 -45.93
N ASP B 6 25.72 -34.97 7.57
CA ASP B 6 24.77 -34.07 8.23
C ASP B 6 23.35 -34.62 8.17
N SER B 7 22.60 -34.39 9.24
CA SER B 7 21.19 -34.83 9.38
C SER B 7 21.06 -36.35 9.47
N HIS B 8 22.15 -37.06 9.20
CA HIS B 8 22.18 -38.51 9.27
C HIS B 8 23.19 -38.94 10.33
N GLN B 9 24.46 -38.61 10.07
CA GLN B 9 25.55 -38.86 11.01
C GLN B 9 25.28 -38.22 12.36
N LEU B 10 24.64 -37.05 12.33
CA LEU B 10 24.34 -36.29 13.53
C LEU B 10 23.40 -37.07 14.47
N ALA B 11 22.37 -37.66 13.88
CA ALA B 11 21.39 -38.43 14.65
C ALA B 11 22.05 -39.56 15.44
N LYS B 12 22.87 -40.36 14.76
CA LYS B 12 23.52 -41.50 15.40
C LYS B 12 24.63 -41.04 16.34
N ALA B 13 25.21 -39.89 16.05
CA ALA B 13 26.25 -39.33 16.91
C ALA B 13 25.65 -38.89 18.25
N LEU B 14 24.43 -38.35 18.19
CA LEU B 14 23.73 -37.93 19.40
C LEU B 14 23.14 -39.12 20.12
N ALA B 15 22.73 -40.13 19.36
CA ALA B 15 22.16 -41.34 19.93
C ALA B 15 23.22 -42.13 20.70
N GLU B 16 24.44 -42.12 20.17
CA GLU B 16 25.52 -42.94 20.72
C GLU B 16 26.04 -42.47 22.08
N ALA B 17 25.92 -41.18 22.38
CA ALA B 17 26.70 -40.61 23.48
C ALA B 17 25.93 -40.41 24.78
N ALA B 18 26.22 -41.25 25.76
CA ALA B 18 25.98 -41.00 27.18
C ALA B 18 24.59 -40.42 27.52
N ASP B 19 24.60 -39.25 28.14
CA ASP B 19 23.37 -38.55 28.53
C ASP B 19 23.07 -37.33 27.65
N VAL B 20 22.02 -36.59 28.02
CA VAL B 20 21.60 -35.39 27.29
C VAL B 20 22.69 -34.34 27.22
N GLY B 21 23.39 -34.12 28.34
CA GLY B 21 24.47 -33.14 28.38
C GLY B 21 25.55 -33.44 27.36
N ALA B 22 25.90 -34.73 27.26
CA ALA B 22 26.88 -35.18 26.29
C ALA B 22 26.37 -34.93 24.88
N GLN B 23 25.06 -35.03 24.70
CA GLN B 23 24.44 -34.77 23.40
C GLN B 23 24.54 -33.29 23.02
N MET B 24 24.31 -32.42 24.00
CA MET B 24 24.38 -30.98 23.76
C MET B 24 25.80 -30.54 23.43
N ILE B 25 26.75 -30.99 24.26
CA ILE B 25 28.17 -30.74 24.03
C ILE B 25 28.64 -31.27 22.67
N LYS B 26 28.28 -32.52 22.38
CA LYS B 26 28.62 -33.16 21.11
C LYS B 26 28.04 -32.35 19.95
N LEU B 27 26.82 -31.84 20.15
CA LEU B 27 26.16 -31.01 19.15
C LEU B 27 26.97 -29.76 18.87
N VAL B 28 27.48 -29.15 19.94
CA VAL B 28 28.38 -28.01 19.78
C VAL B 28 29.60 -28.39 18.95
N GLY B 29 30.19 -29.54 19.27
CA GLY B 29 31.34 -30.01 18.53
C GLY B 29 31.09 -30.24 17.05
N LEU B 30 29.91 -30.76 16.72
CA LEU B 30 29.58 -31.08 15.35
C LEU B 30 29.12 -29.89 14.51
N ARG B 31 28.40 -28.95 15.12
CA ARG B 31 27.88 -27.82 14.37
C ARG B 31 28.87 -26.67 14.13
N GLU B 32 29.82 -26.49 15.04
CA GLU B 32 30.75 -25.36 14.94
C GLU B 32 31.69 -25.46 13.75
N LEU B 33 32.17 -24.31 13.29
CA LEU B 33 33.06 -24.21 12.14
C LEU B 33 34.38 -24.97 12.35
N SER B 34 34.84 -25.64 11.31
CA SER B 34 36.13 -26.33 11.35
C SER B 34 37.28 -25.32 11.21
N GLU B 35 38.51 -25.81 11.27
CA GLU B 35 39.67 -24.95 11.11
C GLU B 35 39.79 -24.47 9.66
N ALA B 36 39.38 -25.32 8.72
CA ALA B 36 39.40 -24.97 7.30
C ALA B 36 38.37 -23.90 6.98
N GLU B 37 37.20 -23.99 7.58
CA GLU B 37 36.15 -22.99 7.39
C GLU B 37 36.61 -21.63 7.91
N ARG B 38 37.25 -21.63 9.07
CA ARG B 38 37.78 -20.40 9.64
C ARG B 38 38.92 -19.83 8.80
N GLN B 39 39.75 -20.73 8.26
CA GLN B 39 40.84 -20.34 7.36
C GLN B 39 40.26 -19.60 6.15
N LEU B 40 39.26 -20.24 5.54
CA LEU B 40 38.53 -19.70 4.39
C LEU B 40 37.97 -18.30 4.68
N ARG B 41 37.30 -18.19 5.82
CA ARG B 41 36.71 -16.92 6.25
C ARG B 41 37.78 -15.84 6.42
N SER B 42 38.86 -16.17 7.12
CA SER B 42 39.95 -15.22 7.34
C SER B 42 40.52 -14.73 6.01
N LEU B 43 40.66 -15.65 5.07
CA LEU B 43 41.16 -15.32 3.74
C LEU B 43 40.22 -14.33 3.02
N VAL B 44 38.92 -14.60 3.06
CA VAL B 44 37.96 -13.70 2.41
C VAL B 44 37.97 -12.32 3.05
N VAL B 45 37.96 -12.29 4.38
CA VAL B 45 38.07 -11.03 5.13
C VAL B 45 39.34 -10.28 4.71
N ALA B 46 40.41 -11.02 4.44
CA ALA B 46 41.66 -10.41 4.01
C ALA B 46 41.50 -9.76 2.64
N LEU B 47 40.82 -10.46 1.72
CA LEU B 47 40.55 -9.91 0.38
C LEU B 47 39.75 -8.59 0.47
N MET B 48 38.66 -8.66 1.22
CA MET B 48 37.83 -7.50 1.50
C MET B 48 38.67 -6.34 2.03
N GLN B 49 39.50 -6.65 3.02
CA GLN B 49 40.38 -5.69 3.65
C GLN B 49 41.32 -5.03 2.66
N GLU B 50 41.87 -5.84 1.75
CA GLU B 50 42.84 -5.33 0.79
C GLU B 50 42.17 -4.36 -0.17
N VAL B 51 41.04 -4.74 -0.75
CA VAL B 51 40.38 -3.86 -1.72
C VAL B 51 39.84 -2.60 -1.05
N PHE B 52 39.29 -2.75 0.14
CA PHE B 52 38.75 -1.60 0.86
C PHE B 52 39.85 -0.65 1.33
N THR B 53 41.02 -1.17 1.67
CA THR B 53 42.16 -0.31 1.99
C THR B 53 42.63 0.40 0.73
N GLU B 54 42.59 -0.31 -0.39
CA GLU B 54 42.92 0.31 -1.66
C GLU B 54 42.03 1.53 -1.92
N PHE B 55 40.74 1.39 -1.65
CA PHE B 55 39.83 2.54 -1.81
C PHE B 55 39.86 3.50 -0.62
N PHE B 56 39.95 2.96 0.59
CA PHE B 56 39.95 3.76 1.81
C PHE B 56 41.23 3.55 2.59
N PRO B 57 42.27 4.37 2.34
CA PRO B 57 43.55 4.21 3.04
C PRO B 57 43.37 4.32 4.56
N GLY B 58 43.92 3.36 5.30
CA GLY B 58 43.83 3.37 6.74
C GLY B 58 42.46 2.97 7.28
N CYS B 59 41.80 2.05 6.60
CA CYS B 59 40.50 1.56 7.05
C CYS B 59 40.68 0.14 7.58
N VAL B 60 39.83 -0.23 8.54
CA VAL B 60 39.88 -1.58 9.10
C VAL B 60 38.57 -2.32 8.84
N VAL B 61 38.69 -3.56 8.37
CA VAL B 61 37.55 -4.44 8.24
C VAL B 61 37.48 -5.36 9.46
N HIS B 62 36.44 -5.17 10.27
CA HIS B 62 36.25 -5.95 11.48
C HIS B 62 35.20 -7.04 11.27
N PRO B 63 35.60 -8.31 11.40
CA PRO B 63 34.58 -9.36 11.41
C PRO B 63 33.75 -9.28 12.69
N PHE B 64 32.45 -9.54 12.59
CA PHE B 64 31.62 -9.65 13.79
C PHE B 64 30.51 -10.70 13.62
N GLY B 65 29.73 -10.91 14.68
CA GLY B 65 28.65 -11.86 14.64
C GLY B 65 29.11 -13.28 14.86
N SER B 66 28.43 -14.23 14.21
CA SER B 66 28.67 -15.65 14.41
C SER B 66 30.14 -16.06 14.34
N SER B 67 30.89 -15.41 13.46
CA SER B 67 32.28 -15.79 13.25
C SER B 67 33.16 -15.54 14.46
N ILE B 68 33.01 -14.38 15.09
CA ILE B 68 33.78 -14.08 16.30
C ILE B 68 33.05 -14.23 17.66
N ASN B 69 31.75 -14.52 17.66
CA ASN B 69 31.00 -14.52 18.92
C ASN B 69 30.86 -15.90 19.58
N SER B 70 31.52 -16.90 19.00
CA SER B 70 31.63 -18.27 19.55
C SER B 70 30.37 -19.13 19.35
N PHE B 71 29.33 -18.56 18.76
CA PHE B 71 28.12 -19.31 18.45
C PHE B 71 28.05 -19.77 16.99
N ASP B 72 29.17 -19.62 16.28
CA ASP B 72 29.30 -20.05 14.89
C ASP B 72 28.86 -21.48 14.61
N VAL B 73 28.12 -21.66 13.51
CA VAL B 73 27.81 -22.99 12.99
C VAL B 73 28.09 -23.04 11.49
N HIS B 74 28.08 -24.24 10.93
CA HIS B 74 28.35 -24.43 9.50
C HIS B 74 27.39 -23.62 8.62
N GLY B 75 27.96 -22.92 7.64
CA GLY B 75 27.17 -22.20 6.67
C GLY B 75 26.67 -20.86 7.14
N CYS B 76 27.06 -20.44 8.34
CA CYS B 76 26.57 -19.18 8.88
C CYS B 76 27.16 -17.99 8.11
N ASP B 77 26.52 -16.85 8.23
CA ASP B 77 26.92 -15.65 7.50
C ASP B 77 28.27 -15.11 7.99
N LEU B 78 28.95 -14.40 7.10
CA LEU B 78 30.15 -13.67 7.48
C LEU B 78 29.84 -12.18 7.50
N ASP B 79 29.75 -11.61 8.70
CA ASP B 79 29.33 -10.22 8.86
C ASP B 79 30.53 -9.31 9.05
N LEU B 80 30.60 -8.25 8.24
CA LEU B 80 31.75 -7.37 8.25
C LEU B 80 31.40 -5.92 8.50
N PHE B 81 32.06 -5.33 9.51
CA PHE B 81 31.94 -3.92 9.80
C PHE B 81 33.10 -3.17 9.17
N LEU B 82 32.80 -2.06 8.50
CA LEU B 82 33.84 -1.28 7.83
C LEU B 82 34.11 0.03 8.56
N ASP B 83 35.30 0.13 9.16
CA ASP B 83 35.69 1.33 9.89
C ASP B 83 36.63 2.19 9.05
N LEU B 84 36.27 3.45 8.86
CA LEU B 84 37.03 4.36 8.00
C LEU B 84 37.85 5.35 8.82
N GLU B 119 25.28 22.17 11.24
CA GLU B 119 24.01 22.00 10.54
C GLU B 119 23.90 20.58 9.99
N THR B 120 23.32 19.69 10.79
CA THR B 120 23.17 18.30 10.40
C THR B 120 21.72 17.82 10.50
N PRO B 121 20.92 18.10 9.45
CA PRO B 121 19.52 17.71 9.32
C PRO B 121 19.38 16.25 8.89
N LYS B 122 18.19 15.85 8.49
CA LYS B 122 17.94 14.49 8.00
C LYS B 122 18.83 14.11 6.81
N GLU B 123 19.48 15.11 6.21
CA GLU B 123 20.43 14.90 5.12
C GLU B 123 21.50 13.86 5.46
N GLU B 124 21.87 13.80 6.74
CA GLU B 124 22.87 12.85 7.24
C GLU B 124 22.48 11.40 6.94
N LYS B 125 21.21 11.20 6.63
CA LYS B 125 20.73 9.90 6.17
C LYS B 125 21.22 9.67 4.76
N ALA B 126 20.80 10.54 3.84
CA ALA B 126 21.14 10.40 2.41
C ALA B 126 22.65 10.23 2.21
N GLU B 127 23.43 11.05 2.89
CA GLU B 127 24.88 10.97 2.85
C GLU B 127 25.34 9.54 3.15
N GLY B 128 24.86 9.03 4.28
CA GLY B 128 25.16 7.67 4.68
C GLY B 128 24.82 6.72 3.55
N ALA B 129 23.61 6.85 3.03
CA ALA B 129 23.15 5.98 1.95
C ALA B 129 24.12 6.03 0.78
N ALA B 130 24.56 7.25 0.45
CA ALA B 130 25.48 7.42 -0.67
C ALA B 130 26.72 6.56 -0.43
N MET B 131 27.29 6.69 0.76
CA MET B 131 28.49 5.95 1.11
C MET B 131 28.24 4.46 0.95
N LEU B 132 27.06 4.03 1.37
CA LEU B 132 26.70 2.62 1.27
C LEU B 132 26.80 2.19 -0.18
N GLU B 133 26.17 2.98 -1.06
CA GLU B 133 26.18 2.68 -2.49
C GLU B 133 27.61 2.56 -2.97
N LEU B 134 28.46 3.46 -2.48
CA LEU B 134 29.87 3.46 -2.86
C LEU B 134 30.47 2.10 -2.51
N VAL B 135 30.27 1.67 -1.27
CA VAL B 135 30.76 0.37 -0.84
C VAL B 135 30.23 -0.70 -1.78
N GLY B 136 28.94 -0.61 -2.10
CA GLY B 136 28.30 -1.54 -3.01
C GLY B 136 29.03 -1.60 -4.34
N SER B 137 29.30 -0.43 -4.91
CA SER B 137 29.94 -0.36 -6.22
C SER B 137 31.33 -0.99 -6.16
N ILE B 138 31.95 -0.94 -4.98
CA ILE B 138 33.27 -1.51 -4.81
C ILE B 138 33.15 -3.04 -4.71
N LEU B 139 32.10 -3.51 -4.04
CA LEU B 139 31.89 -4.94 -3.93
C LEU B 139 31.52 -5.54 -5.27
N ARG B 140 30.73 -4.78 -6.03
CA ARG B 140 30.23 -5.22 -7.32
C ARG B 140 31.34 -5.39 -8.35
N GLY B 141 32.13 -4.34 -8.55
CA GLY B 141 33.11 -4.34 -9.61
C GLY B 141 34.61 -4.41 -9.31
N CYS B 142 35.00 -4.50 -8.05
CA CYS B 142 36.42 -4.38 -7.72
C CYS B 142 37.01 -5.62 -7.05
N VAL B 143 36.54 -5.95 -5.86
CA VAL B 143 36.98 -7.17 -5.20
C VAL B 143 36.49 -8.35 -6.02
N PRO B 144 37.44 -9.16 -6.54
CA PRO B 144 37.07 -10.26 -7.43
C PRO B 144 36.43 -11.44 -6.70
N GLY B 145 35.44 -12.05 -7.32
CA GLY B 145 34.82 -13.25 -6.77
C GLY B 145 33.47 -13.05 -6.12
N VAL B 146 33.17 -11.81 -5.72
CA VAL B 146 31.88 -11.55 -5.09
C VAL B 146 30.88 -11.08 -6.14
N TYR B 147 29.74 -11.76 -6.20
CA TYR B 147 28.77 -11.53 -7.26
C TYR B 147 27.45 -10.98 -6.75
N ARG B 148 26.73 -11.72 -5.91
CA ARG B 148 25.46 -11.19 -5.42
C ARG B 148 25.80 -10.00 -4.54
N VAL B 149 25.32 -8.82 -4.92
CA VAL B 149 25.54 -7.62 -4.13
C VAL B 149 24.27 -6.79 -4.10
N GLN B 150 23.71 -6.59 -2.92
CA GLN B 150 22.52 -5.76 -2.84
C GLN B 150 22.59 -4.78 -1.69
N THR B 151 22.53 -3.49 -2.00
CA THR B 151 22.50 -2.46 -0.99
C THR B 151 21.14 -2.44 -0.32
N VAL B 152 21.15 -2.27 0.99
CA VAL B 152 19.94 -2.20 1.80
C VAL B 152 20.03 -1.00 2.74
N PRO B 153 19.74 0.21 2.21
CA PRO B 153 19.67 1.44 3.00
C PRO B 153 18.40 1.49 3.85
N SER B 154 17.41 0.71 3.43
CA SER B 154 16.08 0.73 4.03
C SER B 154 16.00 -0.07 5.33
N ALA B 155 17.05 -0.81 5.65
CA ALA B 155 17.10 -1.58 6.89
C ALA B 155 17.30 -0.67 8.10
N ARG B 156 16.96 -1.17 9.28
CA ARG B 156 17.16 -0.43 10.52
C ARG B 156 18.64 -0.12 10.68
N ARG B 157 19.47 -1.12 10.40
CA ARG B 157 20.90 -0.94 10.30
C ARG B 157 21.32 -1.22 8.86
N PRO B 158 21.54 -0.16 8.08
CA PRO B 158 21.85 -0.22 6.65
C PRO B 158 23.03 -1.14 6.36
N VAL B 159 22.93 -1.96 5.32
CA VAL B 159 23.96 -2.96 5.09
C VAL B 159 24.07 -3.33 3.62
N VAL B 160 25.24 -3.79 3.18
CA VAL B 160 25.37 -4.27 1.81
C VAL B 160 25.55 -5.78 1.80
N LYS B 161 24.56 -6.49 1.29
CA LYS B 161 24.63 -7.94 1.21
C LYS B 161 25.57 -8.36 0.10
N PHE B 162 26.36 -9.40 0.37
CA PHE B 162 27.33 -9.90 -0.61
C PHE B 162 27.46 -11.40 -0.52
N ALA B 163 27.99 -12.00 -1.58
CA ALA B 163 28.35 -13.41 -1.58
C ALA B 163 29.66 -13.60 -2.34
N HIS B 164 30.60 -14.32 -1.73
CA HIS B 164 31.87 -14.67 -2.36
C HIS B 164 31.79 -16.08 -2.96
N ARG B 165 31.96 -16.15 -4.27
CA ARG B 165 31.77 -17.38 -5.05
C ARG B 165 32.76 -18.51 -4.78
N PRO B 166 34.08 -18.24 -4.85
CA PRO B 166 35.02 -19.36 -4.68
C PRO B 166 34.98 -19.99 -3.29
N SER B 167 34.74 -19.17 -2.27
CA SER B 167 34.68 -19.66 -0.90
C SER B 167 33.29 -20.14 -0.52
N GLY B 168 32.31 -19.83 -1.36
CA GLY B 168 30.92 -20.15 -1.09
C GLY B 168 30.34 -19.33 0.06
N LEU B 169 31.05 -18.29 0.46
CA LEU B 169 30.65 -17.49 1.62
C LEU B 169 29.59 -16.44 1.28
N HIS B 170 28.86 -15.99 2.29
CA HIS B 170 27.91 -14.89 2.09
C HIS B 170 27.78 -14.08 3.38
N GLY B 171 27.49 -12.79 3.25
CA GLY B 171 27.33 -11.98 4.44
C GLY B 171 26.94 -10.53 4.24
N ASP B 172 27.19 -9.76 5.29
CA ASP B 172 26.82 -8.36 5.37
C ASP B 172 28.03 -7.45 5.51
N VAL B 173 28.06 -6.35 4.76
CA VAL B 173 29.05 -5.30 5.01
C VAL B 173 28.35 -4.08 5.59
N SER B 174 28.67 -3.78 6.84
CA SER B 174 28.00 -2.71 7.56
C SER B 174 28.92 -1.51 7.73
N LEU B 175 28.49 -0.35 7.21
CA LEU B 175 29.31 0.85 7.33
C LEU B 175 29.41 1.28 8.78
N SER B 176 28.28 1.54 9.42
CA SER B 176 28.31 1.66 10.87
C SER B 176 27.22 0.87 11.60
N ASN B 177 27.61 -0.25 12.18
CA ASN B 177 27.05 -0.70 13.44
C ASN B 177 28.27 -1.08 14.26
N ARG B 178 28.67 -0.19 15.16
CA ARG B 178 29.87 -0.44 15.95
C ARG B 178 29.50 -1.24 17.19
N LEU B 179 28.23 -1.14 17.55
CA LEU B 179 27.71 -1.87 18.71
C LEU B 179 27.85 -3.36 18.48
N ALA B 180 27.73 -3.77 17.23
CA ALA B 180 27.83 -5.17 16.84
C ALA B 180 29.16 -5.81 17.30
N LEU B 181 30.25 -5.08 17.13
CA LEU B 181 31.55 -5.52 17.62
C LEU B 181 31.54 -5.86 19.10
N HIS B 182 31.03 -4.92 19.90
CA HIS B 182 31.01 -5.07 21.34
C HIS B 182 30.02 -6.11 21.84
N ASN B 183 28.87 -6.25 21.18
CA ASN B 183 27.91 -7.26 21.63
C ASN B 183 28.37 -8.64 21.19
N SER B 184 29.12 -8.70 20.09
CA SER B 184 29.76 -9.94 19.67
C SER B 184 30.75 -10.38 20.73
N ARG B 185 31.65 -9.46 21.10
CA ARG B 185 32.60 -9.70 22.16
C ARG B 185 31.90 -10.06 23.47
N PHE B 186 30.72 -9.49 23.70
CA PHE B 186 29.97 -9.77 24.90
C PHE B 186 29.44 -11.21 24.90
N LEU B 187 28.95 -11.66 23.75
CA LEU B 187 28.48 -13.04 23.62
C LEU B 187 29.63 -14.02 23.82
N SER B 188 30.79 -13.71 23.25
CA SER B 188 31.96 -14.54 23.41
C SER B 188 32.36 -14.63 24.90
N LEU B 189 32.33 -13.49 25.57
CA LEU B 189 32.64 -13.43 26.99
C LEU B 189 31.65 -14.27 27.79
N ALA B 190 30.38 -14.20 27.40
CA ALA B 190 29.33 -14.98 28.05
C ALA B 190 29.65 -16.46 27.96
N SER B 191 30.05 -16.90 26.76
CA SER B 191 30.48 -18.29 26.58
C SER B 191 31.67 -18.62 27.48
N GLU B 192 32.57 -17.65 27.66
CA GLU B 192 33.75 -17.87 28.49
C GLU B 192 33.42 -17.97 29.99
N LEU B 193 32.35 -17.29 30.41
CA LEU B 193 31.97 -17.23 31.81
C LEU B 193 31.51 -18.58 32.35
N ASP B 194 30.77 -19.32 31.54
CA ASP B 194 30.27 -20.63 31.96
C ASP B 194 30.29 -21.63 30.82
N GLY B 195 30.67 -22.86 31.13
CA GLY B 195 30.80 -23.91 30.12
C GLY B 195 29.47 -24.47 29.68
N ARG B 196 28.39 -24.13 30.39
CA ARG B 196 27.05 -24.62 30.08
C ARG B 196 26.33 -23.73 29.06
N VAL B 197 26.86 -22.53 28.85
CA VAL B 197 26.22 -21.55 27.98
C VAL B 197 26.15 -22.04 26.52
N ARG B 198 27.29 -22.43 25.97
CA ARG B 198 27.35 -22.83 24.56
C ARG B 198 26.50 -24.07 24.21
N PRO B 199 26.57 -25.14 25.03
CA PRO B 199 25.68 -26.27 24.73
C PRO B 199 24.20 -25.89 24.72
N LEU B 200 23.78 -25.08 25.70
CA LEU B 200 22.40 -24.61 25.77
C LEU B 200 22.00 -23.83 24.52
N VAL B 201 22.82 -22.85 24.14
CA VAL B 201 22.52 -21.99 23.01
C VAL B 201 22.49 -22.79 21.70
N TYR B 202 23.44 -23.70 21.53
CA TYR B 202 23.50 -24.51 20.31
C TYR B 202 22.29 -25.43 20.19
N THR B 203 21.99 -26.12 21.28
CA THR B 203 20.82 -27.01 21.35
C THR B 203 19.52 -26.25 21.08
N LEU B 204 19.35 -25.13 21.77
CA LEU B 204 18.13 -24.34 21.65
C LEU B 204 18.01 -23.68 20.29
N ARG B 205 19.14 -23.40 19.66
CA ARG B 205 19.15 -22.81 18.34
C ARG B 205 18.68 -23.84 17.33
N ALA B 206 19.27 -25.03 17.37
CA ALA B 206 18.85 -26.11 16.49
C ALA B 206 17.37 -26.44 16.71
N TRP B 207 16.96 -26.47 17.97
CA TRP B 207 15.58 -26.74 18.32
C TRP B 207 14.63 -25.69 17.73
N ALA B 208 14.98 -24.42 17.89
CA ALA B 208 14.17 -23.33 17.36
C ALA B 208 14.08 -23.38 15.84
N GLN B 209 15.17 -23.79 15.22
CA GLN B 209 15.22 -23.97 13.80
C GLN B 209 14.30 -25.08 13.33
N GLY B 210 14.25 -26.16 14.11
CA GLY B 210 13.36 -27.27 13.85
C GLY B 210 11.90 -26.97 14.12
N ARG B 211 11.64 -26.05 15.04
CA ARG B 211 10.28 -25.70 15.44
C ARG B 211 9.73 -24.53 14.63
N GLY B 212 10.57 -23.94 13.78
CA GLY B 212 10.16 -22.81 12.96
C GLY B 212 10.09 -21.50 13.74
N LEU B 213 10.87 -21.40 14.82
CA LEU B 213 10.85 -20.21 15.67
C LEU B 213 11.92 -19.17 15.32
N SER B 214 12.86 -19.53 14.46
CA SER B 214 13.96 -18.62 14.14
C SER B 214 14.24 -18.54 12.64
N GLY B 215 14.71 -17.37 12.21
CA GLY B 215 14.94 -17.12 10.80
C GLY B 215 14.98 -15.63 10.48
N SER B 216 14.83 -15.28 9.21
CA SER B 216 14.94 -13.89 8.75
C SER B 216 13.61 -13.18 8.60
N GLY B 217 12.52 -13.85 8.95
CA GLY B 217 11.19 -13.29 8.83
C GLY B 217 10.70 -12.64 10.10
N PRO B 218 9.40 -12.76 10.37
CA PRO B 218 8.78 -12.43 11.67
C PRO B 218 9.33 -13.29 12.79
N LEU B 219 10.07 -14.34 12.44
CA LEU B 219 10.74 -15.20 13.39
C LEU B 219 11.88 -14.48 14.14
N LEU B 220 12.27 -15.04 15.28
CA LEU B 220 13.39 -14.51 16.05
C LEU B 220 14.72 -14.66 15.31
N SER B 221 15.51 -13.59 15.30
CA SER B 221 16.87 -13.71 14.79
C SER B 221 17.65 -14.58 15.76
N ASN B 222 18.73 -15.20 15.26
CA ASN B 222 19.55 -16.07 16.10
C ASN B 222 20.17 -15.28 17.24
N TYR B 223 20.48 -14.01 16.97
CA TYR B 223 21.01 -13.10 17.99
C TYR B 223 20.00 -12.97 19.13
N ALA B 224 18.73 -12.78 18.77
CA ALA B 224 17.66 -12.63 19.76
C ALA B 224 17.46 -13.91 20.57
N LEU B 225 17.59 -15.06 19.93
CA LEU B 225 17.45 -16.33 20.64
C LEU B 225 18.58 -16.51 21.64
N THR B 226 19.80 -16.17 21.21
CA THR B 226 20.95 -16.22 22.10
C THR B 226 20.75 -15.29 23.30
N LEU B 227 20.28 -14.08 23.02
CA LEU B 227 19.97 -13.10 24.04
C LEU B 227 18.93 -13.63 25.02
N LEU B 228 17.97 -14.38 24.50
CA LEU B 228 16.93 -14.97 25.31
C LEU B 228 17.50 -16.05 26.23
N VAL B 229 18.39 -16.88 25.69
CA VAL B 229 19.04 -17.93 26.49
C VAL B 229 19.88 -17.32 27.60
N ILE B 230 20.69 -16.33 27.25
CA ILE B 230 21.51 -15.62 28.23
C ILE B 230 20.64 -14.96 29.29
N TYR B 231 19.54 -14.36 28.87
CA TYR B 231 18.61 -13.74 29.80
C TYR B 231 18.08 -14.79 30.77
N PHE B 232 17.74 -15.95 30.24
CA PHE B 232 17.28 -17.07 31.04
C PHE B 232 18.32 -17.47 32.08
N LEU B 233 19.58 -17.53 31.65
CA LEU B 233 20.67 -17.91 32.54
C LEU B 233 20.96 -16.84 33.59
N GLN B 234 20.56 -15.60 33.30
CA GLN B 234 20.74 -14.50 34.23
C GLN B 234 19.72 -14.52 35.36
N THR B 235 18.55 -15.07 35.06
CA THR B 235 17.40 -15.02 35.96
C THR B 235 17.23 -16.26 36.84
N ARG B 236 18.15 -17.21 36.77
CA ARG B 236 18.06 -18.42 37.58
C ARG B 236 18.31 -18.11 39.05
N ASP B 237 17.78 -18.95 39.95
CA ASP B 237 17.78 -18.63 41.37
C ASP B 237 19.21 -18.39 41.89
N PRO B 238 20.10 -19.40 41.83
CA PRO B 238 21.45 -18.83 41.72
C PRO B 238 21.65 -18.38 40.28
N PRO B 239 22.25 -17.21 40.04
CA PRO B 239 22.45 -16.86 38.64
C PRO B 239 23.56 -17.69 37.99
N VAL B 240 23.34 -18.13 36.77
CA VAL B 240 24.38 -18.79 35.99
C VAL B 240 25.29 -17.74 35.37
N LEU B 241 24.65 -16.68 34.87
CA LEU B 241 25.37 -15.58 34.26
C LEU B 241 25.03 -14.28 35.00
N PRO B 242 25.99 -13.34 35.05
CA PRO B 242 25.77 -12.03 35.65
C PRO B 242 24.93 -11.12 34.75
N THR B 243 24.39 -10.05 35.32
CA THR B 243 23.70 -9.04 34.53
C THR B 243 24.73 -8.15 33.84
N VAL B 244 24.36 -7.52 32.75
CA VAL B 244 25.28 -6.64 32.03
C VAL B 244 25.59 -5.40 32.86
N SER B 245 24.65 -5.02 33.73
CA SER B 245 24.86 -3.92 34.66
C SER B 245 26.05 -4.24 35.58
N GLN B 246 26.05 -5.46 36.11
CA GLN B 246 27.13 -5.95 36.95
C GLN B 246 28.48 -5.93 36.22
N LEU B 247 28.48 -6.42 34.98
CA LEU B 247 29.70 -6.42 34.16
C LEU B 247 30.21 -4.99 33.96
N THR B 248 29.29 -4.08 33.66
CA THR B 248 29.62 -2.67 33.44
C THR B 248 30.23 -2.07 34.69
N GLN B 249 29.74 -2.49 35.86
CA GLN B 249 30.30 -1.98 37.10
C GLN B 249 31.67 -2.58 37.42
N LYS B 250 31.87 -3.85 37.08
CA LYS B 250 33.18 -4.46 37.30
C LYS B 250 34.20 -3.82 36.37
N ALA B 251 33.95 -3.90 35.08
CA ALA B 251 34.70 -3.15 34.07
C ALA B 251 36.19 -3.19 34.30
N GLY B 252 36.79 -2.00 34.34
CA GLY B 252 38.19 -1.82 34.61
C GLY B 252 38.64 -0.51 34.00
N GLU B 253 39.87 -0.11 34.28
CA GLU B 253 40.40 1.10 33.69
C GLU B 253 40.82 0.83 32.25
N GLY B 254 40.49 1.77 31.36
CA GLY B 254 40.78 1.60 29.96
C GLY B 254 39.79 0.71 29.24
N GLU B 255 38.94 0.04 30.02
CA GLU B 255 37.88 -0.80 29.47
C GLU B 255 36.57 -0.01 29.34
N GLN B 256 36.65 1.29 29.63
CA GLN B 256 35.52 2.19 29.46
C GLN B 256 35.35 2.54 28.00
N VAL B 257 34.18 2.26 27.45
CA VAL B 257 33.91 2.56 26.05
C VAL B 257 32.44 2.93 25.86
N GLU B 258 32.19 3.91 25.00
CA GLU B 258 30.83 4.31 24.68
C GLU B 258 30.64 4.40 23.17
N VAL B 259 29.57 3.79 22.68
CA VAL B 259 29.29 3.80 21.25
C VAL B 259 27.85 4.25 21.00
N ASP B 260 27.70 5.31 20.21
CA ASP B 260 26.40 5.88 19.86
C ASP B 260 25.62 6.32 21.09
N GLY B 261 26.32 6.65 22.17
CA GLY B 261 25.69 7.15 23.37
C GLY B 261 25.28 6.06 24.35
N TRP B 262 25.76 4.85 24.10
CA TRP B 262 25.47 3.72 24.98
C TRP B 262 26.76 3.19 25.59
N ASP B 263 26.68 2.71 26.82
CA ASP B 263 27.87 2.23 27.52
C ASP B 263 28.08 0.75 27.23
N CYS B 264 29.17 0.45 26.51
CA CYS B 264 29.51 -0.90 26.08
C CYS B 264 30.54 -1.56 27.00
N SER B 265 30.88 -0.89 28.08
CA SER B 265 32.01 -1.31 28.91
C SER B 265 31.76 -2.62 29.65
N PHE B 266 32.63 -3.60 29.43
CA PHE B 266 32.69 -4.81 30.25
C PHE B 266 34.12 -5.35 30.30
N PRO B 267 34.45 -6.14 31.34
CA PRO B 267 35.79 -6.72 31.48
C PRO B 267 36.21 -7.59 30.29
N ARG B 268 37.47 -7.50 29.91
CA ARG B 268 37.97 -8.14 28.70
C ARG B 268 38.20 -9.63 28.88
N ASP B 269 38.63 -10.02 30.07
CA ASP B 269 38.85 -11.44 30.35
C ASP B 269 37.93 -11.93 31.46
N ALA B 270 37.46 -13.17 31.31
CA ALA B 270 36.54 -13.76 32.27
C ALA B 270 37.29 -14.16 33.55
N SER B 271 38.61 -14.05 33.50
CA SER B 271 39.47 -14.46 34.59
C SER B 271 39.23 -13.65 35.86
N ARG B 272 38.93 -12.35 35.69
CA ARG B 272 38.75 -11.45 36.82
C ARG B 272 37.45 -11.74 37.58
N LEU B 273 36.49 -12.35 36.90
CA LEU B 273 35.14 -12.52 37.44
C LEU B 273 34.96 -13.85 38.15
N GLU B 274 34.25 -13.83 39.28
CA GLU B 274 34.02 -15.04 40.06
C GLU B 274 33.01 -15.95 39.36
N PRO B 275 33.19 -17.27 39.49
CA PRO B 275 32.32 -18.26 38.85
C PRO B 275 30.88 -18.23 39.37
N SER B 276 30.04 -19.08 38.80
CA SER B 276 28.65 -19.21 39.21
C SER B 276 28.48 -20.28 40.28
N ILE B 277 27.64 -20.01 41.28
CA ILE B 277 27.38 -21.00 42.32
C ILE B 277 26.15 -21.83 41.97
N ASN B 278 25.62 -21.61 40.78
CA ASN B 278 24.52 -22.42 40.25
C ASN B 278 25.06 -23.77 39.77
N VAL B 279 24.56 -24.85 40.38
CA VAL B 279 25.09 -26.19 40.14
C VAL B 279 24.27 -27.02 39.14
N GLU B 280 23.16 -26.48 38.66
CA GLU B 280 22.24 -27.22 37.78
C GLU B 280 22.95 -27.74 36.52
N PRO B 281 22.72 -29.01 36.19
CA PRO B 281 23.26 -29.66 34.98
C PRO B 281 22.55 -29.23 33.70
N LEU B 282 23.15 -29.50 32.55
CA LEU B 282 22.66 -29.04 31.25
C LEU B 282 21.22 -29.47 30.94
N SER B 283 20.91 -30.74 31.19
CA SER B 283 19.56 -31.26 30.91
C SER B 283 18.51 -30.50 31.74
N SER B 284 18.85 -30.28 33.01
CA SER B 284 18.02 -29.50 33.92
C SER B 284 17.78 -28.10 33.36
N LEU B 285 18.85 -27.40 33.03
CA LEU B 285 18.75 -26.03 32.52
C LEU B 285 17.93 -25.96 31.23
N LEU B 286 18.03 -27.00 30.41
CA LEU B 286 17.24 -27.06 29.17
C LEU B 286 15.74 -27.14 29.49
N ALA B 287 15.40 -28.11 30.33
CA ALA B 287 14.01 -28.27 30.77
C ALA B 287 13.48 -26.98 31.39
N GLN B 288 14.32 -26.35 32.20
CA GLN B 288 13.98 -25.10 32.87
C GLN B 288 13.75 -23.97 31.88
N PHE B 289 14.53 -23.94 30.79
CA PHE B 289 14.32 -22.94 29.74
C PHE B 289 12.93 -23.11 29.17
N PHE B 290 12.65 -24.32 28.69
CA PHE B 290 11.35 -24.60 28.09
C PHE B 290 10.20 -24.18 29.01
N SER B 291 10.23 -24.70 30.23
CA SER B 291 9.21 -24.41 31.23
C SER B 291 9.05 -22.91 31.48
N ALA B 292 10.15 -22.26 31.83
CA ALA B 292 10.14 -20.86 32.21
C ALA B 292 9.58 -19.99 31.10
N VAL B 293 10.16 -20.08 29.90
CA VAL B 293 9.71 -19.20 28.82
C VAL B 293 8.30 -19.56 28.38
N SER B 294 7.88 -20.80 28.65
CA SER B 294 6.50 -21.18 28.37
C SER B 294 5.55 -20.50 29.34
N SER B 295 6.04 -20.19 30.55
CA SER B 295 5.18 -19.55 31.55
C SER B 295 5.30 -18.02 31.64
N TRP B 296 6.19 -17.41 30.87
CA TRP B 296 6.42 -15.96 30.95
C TRP B 296 5.31 -15.13 30.33
N ASP B 297 5.12 -13.92 30.84
CA ASP B 297 4.25 -12.95 30.18
C ASP B 297 5.12 -12.09 29.27
N LEU B 298 5.00 -12.29 27.96
CA LEU B 298 5.90 -11.64 27.02
C LEU B 298 5.47 -10.21 26.69
N ARG B 299 4.17 -9.99 26.52
CA ARG B 299 3.68 -8.66 26.15
C ARG B 299 3.76 -7.65 27.29
N GLY B 300 3.58 -8.12 28.52
CA GLY B 300 3.61 -7.24 29.67
C GLY B 300 5.03 -7.03 30.18
N SER B 301 6.00 -7.67 29.54
CA SER B 301 7.38 -7.63 30.02
C SER B 301 8.38 -7.25 28.94
N LEU B 302 9.25 -6.30 29.28
CA LEU B 302 10.47 -6.06 28.55
C LEU B 302 11.61 -6.77 29.28
N LEU B 303 12.15 -7.82 28.66
CA LEU B 303 13.19 -8.60 29.30
C LEU B 303 14.53 -7.90 29.15
N SER B 304 15.12 -7.52 30.28
CA SER B 304 16.31 -6.68 30.31
C SER B 304 17.52 -7.50 30.70
N LEU B 305 18.49 -7.57 29.77
CA LEU B 305 19.75 -8.24 30.01
C LEU B 305 20.68 -7.39 30.86
N ARG B 306 20.46 -6.08 30.83
CA ARG B 306 21.23 -5.16 31.68
C ARG B 306 20.88 -5.40 33.14
N GLU B 307 19.59 -5.38 33.45
CA GLU B 307 19.13 -5.55 34.81
C GLU B 307 18.96 -7.02 35.19
N GLY B 308 19.02 -7.89 34.17
CA GLY B 308 18.78 -9.31 34.37
C GLY B 308 17.41 -9.51 34.97
N GLN B 309 16.42 -8.82 34.40
CA GLN B 309 15.13 -8.71 35.06
C GLN B 309 14.01 -8.39 34.07
N ALA B 310 12.77 -8.69 34.44
CA ALA B 310 11.63 -8.35 33.60
C ALA B 310 11.01 -7.02 34.02
N LEU B 311 11.09 -6.02 33.14
CA LEU B 311 10.53 -4.71 33.41
C LEU B 311 9.10 -4.59 32.86
N PRO B 312 8.13 -4.33 33.73
CA PRO B 312 6.74 -4.23 33.27
C PRO B 312 6.54 -3.13 32.23
N VAL B 313 5.93 -3.50 31.11
CA VAL B 313 5.73 -2.61 29.97
C VAL B 313 4.54 -1.68 30.22
N ALA B 314 3.53 -2.20 30.89
CA ALA B 314 2.31 -1.44 31.09
C ALA B 314 2.26 -0.76 32.46
N GLY B 315 1.96 0.54 32.43
CA GLY B 315 2.12 1.30 31.21
C GLY B 315 3.38 2.13 31.18
N GLY B 316 3.93 2.32 29.99
CA GLY B 316 4.79 3.46 29.71
C GLY B 316 6.14 3.57 30.38
N LEU B 317 6.44 2.71 31.35
CA LEU B 317 7.65 2.86 32.14
C LEU B 317 8.94 2.63 31.31
N PRO B 318 9.02 1.51 30.57
CA PRO B 318 10.18 1.41 29.67
C PRO B 318 10.07 2.35 28.47
N SER B 319 8.86 2.82 28.18
CA SER B 319 8.63 3.64 27.00
C SER B 319 9.00 5.11 27.23
N ASN B 320 9.07 5.51 28.50
CA ASN B 320 9.39 6.88 28.85
C ASN B 320 10.87 7.14 28.61
N LEU B 321 11.70 6.43 29.36
CA LEU B 321 13.13 6.38 29.10
C LEU B 321 13.38 5.59 27.81
N TRP B 322 14.53 5.81 27.18
CA TRP B 322 14.92 5.07 25.96
C TRP B 322 13.91 5.18 24.82
N GLU B 323 13.54 6.39 24.42
CA GLU B 323 12.61 6.54 23.31
C GLU B 323 13.17 5.88 22.04
N GLY B 324 12.29 5.30 21.24
CA GLY B 324 12.68 4.58 20.06
C GLY B 324 12.53 3.08 20.24
N LEU B 325 12.17 2.67 21.46
CA LEU B 325 11.96 1.27 21.76
C LEU B 325 10.60 0.80 21.26
N ARG B 326 10.58 -0.19 20.40
CA ARG B 326 9.34 -0.74 19.89
C ARG B 326 8.82 -1.86 20.77
N LEU B 327 7.57 -1.79 21.14
CA LEU B 327 6.96 -2.79 21.99
C LEU B 327 5.92 -3.61 21.23
N GLY B 328 5.78 -4.87 21.62
CA GLY B 328 4.93 -5.80 20.91
C GLY B 328 4.85 -7.16 21.57
N PRO B 329 4.50 -8.19 20.79
CA PRO B 329 4.32 -9.58 21.23
C PRO B 329 5.47 -10.11 22.08
N LEU B 330 6.70 -9.81 21.69
CA LEU B 330 7.87 -10.24 22.45
C LEU B 330 8.87 -9.10 22.57
N ASN B 331 9.20 -8.75 23.81
CA ASN B 331 10.10 -7.62 24.07
C ASN B 331 11.40 -8.04 24.76
N LEU B 332 12.49 -7.96 24.02
CA LEU B 332 13.79 -8.39 24.51
C LEU B 332 14.83 -7.31 24.26
N GLN B 333 15.37 -6.75 25.33
CA GLN B 333 16.23 -5.57 25.24
C GLN B 333 17.69 -5.94 25.02
N ASP B 334 18.31 -5.27 24.06
CA ASP B 334 19.73 -5.42 23.81
C ASP B 334 20.50 -5.01 25.06
N PRO B 335 21.61 -5.71 25.37
CA PRO B 335 22.43 -5.38 26.54
C PRO B 335 23.02 -3.96 26.52
N PHE B 336 23.13 -3.35 25.34
CA PHE B 336 23.88 -2.10 25.22
C PHE B 336 23.04 -0.95 24.68
N ASP B 337 22.52 -1.11 23.47
CA ASP B 337 21.52 -0.15 23.00
C ASP B 337 20.22 -0.50 23.70
N LEU B 338 19.73 0.43 24.51
CA LEU B 338 18.56 0.16 25.33
C LEU B 338 17.28 0.63 24.65
N SER B 339 17.43 1.28 23.51
CA SER B 339 16.28 1.68 22.72
C SER B 339 15.95 0.58 21.70
N HIS B 340 16.67 -0.53 21.77
CA HIS B 340 16.55 -1.60 20.79
C HIS B 340 15.86 -2.85 21.34
N ASN B 341 14.66 -3.13 20.85
CA ASN B 341 14.05 -4.42 21.09
C ASN B 341 14.43 -5.34 19.93
N VAL B 342 15.27 -6.33 20.21
CA VAL B 342 15.79 -7.21 19.17
C VAL B 342 14.73 -8.18 18.67
N ALA B 343 13.65 -8.31 19.45
CA ALA B 343 12.52 -9.16 19.09
C ALA B 343 11.34 -8.38 18.48
N ALA B 344 11.52 -7.09 18.24
CA ALA B 344 10.44 -6.21 17.80
C ALA B 344 9.77 -6.65 16.49
N ASN B 345 10.48 -7.45 15.71
CA ASN B 345 9.97 -7.95 14.43
C ASN B 345 9.00 -9.11 14.62
N VAL B 346 9.01 -9.69 15.81
CA VAL B 346 8.26 -10.92 16.05
C VAL B 346 6.78 -10.64 16.17
N THR B 347 6.01 -11.26 15.29
CA THR B 347 4.56 -11.14 15.29
C THR B 347 3.93 -11.97 16.39
N SER B 348 2.69 -11.66 16.75
CA SER B 348 1.97 -12.37 17.80
C SER B 348 1.92 -13.87 17.53
N ARG B 349 1.77 -14.23 16.27
CA ARG B 349 1.74 -15.63 15.86
C ARG B 349 3.03 -16.36 16.21
N VAL B 350 4.16 -15.72 15.94
CA VAL B 350 5.46 -16.34 16.21
C VAL B 350 5.73 -16.47 17.71
N ALA B 351 5.29 -15.46 18.47
CA ALA B 351 5.46 -15.48 19.93
C ALA B 351 4.62 -16.61 20.53
N GLY B 352 3.37 -16.68 20.10
CA GLY B 352 2.47 -17.73 20.53
C GLY B 352 3.01 -19.10 20.20
N ARG B 353 3.53 -19.25 18.98
CA ARG B 353 4.14 -20.51 18.56
C ARG B 353 5.33 -20.84 19.44
N LEU B 354 6.09 -19.82 19.81
CA LEU B 354 7.25 -19.99 20.69
C LEU B 354 6.84 -20.58 22.03
N GLN B 355 5.89 -19.93 22.70
CA GLN B 355 5.47 -20.39 24.01
C GLN B 355 4.78 -21.76 23.96
N ASN B 356 4.05 -22.02 22.87
CA ASN B 356 3.44 -23.34 22.67
C ASN B 356 4.47 -24.46 22.49
N CYS B 357 5.43 -24.24 21.61
CA CYS B 357 6.50 -25.20 21.37
C CYS B 357 7.29 -25.43 22.64
N CYS B 358 7.45 -24.38 23.44
CA CYS B 358 8.16 -24.49 24.70
C CYS B 358 7.37 -25.29 25.72
N ARG B 359 6.05 -25.13 25.70
CA ARG B 359 5.19 -25.89 26.61
C ARG B 359 5.26 -27.37 26.25
N ALA B 360 5.22 -27.65 24.95
CA ALA B 360 5.33 -29.03 24.46
C ALA B 360 6.68 -29.63 24.81
N ALA B 361 7.75 -28.86 24.61
CA ALA B 361 9.10 -29.33 24.87
C ALA B 361 9.35 -29.50 26.37
N ALA B 362 8.63 -28.73 27.17
CA ALA B 362 8.74 -28.83 28.61
C ALA B 362 8.02 -30.09 29.08
N ASN B 363 6.88 -30.37 28.46
CA ASN B 363 6.16 -31.60 28.74
C ASN B 363 6.99 -32.82 28.36
N TYR B 364 7.68 -32.74 27.23
CA TYR B 364 8.56 -33.81 26.79
C TYR B 364 9.79 -33.95 27.69
N ALA B 365 10.28 -32.83 28.21
CA ALA B 365 11.48 -32.81 29.05
C ALA B 365 11.24 -33.50 30.39
N ARG B 366 9.97 -33.70 30.72
CA ARG B 366 9.60 -34.40 31.94
C ARG B 366 9.42 -35.90 31.70
N SER B 367 9.48 -36.31 30.44
CA SER B 367 9.29 -37.70 30.05
C SER B 367 10.52 -38.57 30.30
N LEU B 368 10.31 -39.87 30.41
CA LEU B 368 11.39 -40.82 30.67
C LEU B 368 12.31 -41.00 29.47
N GLN B 369 11.77 -40.76 28.28
CA GLN B 369 12.53 -40.85 27.04
C GLN B 369 13.62 -39.79 26.97
N TYR B 370 13.36 -38.65 27.58
CA TYR B 370 14.30 -37.53 27.58
C TYR B 370 15.47 -37.76 28.52
N GLN B 371 15.17 -37.86 29.80
CA GLN B 371 16.17 -37.96 30.86
C GLN B 371 17.11 -39.15 30.67
N ARG B 372 16.58 -40.36 30.81
CA ARG B 372 17.39 -41.56 30.67
C ARG B 372 17.76 -41.84 29.22
N ARG B 373 18.85 -42.58 29.04
CA ARG B 373 19.30 -42.96 27.71
C ARG B 373 18.40 -44.05 27.15
N SER B 374 18.67 -44.49 25.93
CA SER B 374 17.96 -45.61 25.34
C SER B 374 18.85 -46.83 25.33
N SER B 375 18.25 -48.01 25.53
CA SER B 375 19.01 -49.26 25.53
C SER B 375 19.75 -49.47 24.21
N ARG B 376 19.01 -49.82 23.18
CA ARG B 376 19.56 -49.91 21.83
C ARG B 376 18.61 -49.38 20.74
N GLY B 377 19.05 -48.34 20.04
CA GLY B 377 18.42 -47.90 18.81
C GLY B 377 17.30 -46.86 18.90
N ARG B 378 16.65 -46.76 20.05
CA ARG B 378 15.50 -45.86 20.19
C ARG B 378 15.95 -44.40 20.24
N ASP B 379 15.08 -43.50 19.77
CA ASP B 379 15.37 -42.06 19.83
C ASP B 379 15.08 -41.52 21.23
N TRP B 380 16.07 -40.87 21.81
CA TRP B 380 16.01 -40.42 23.19
C TRP B 380 16.66 -39.06 23.37
N GLY B 381 16.35 -38.40 24.48
CA GLY B 381 17.00 -37.14 24.82
C GLY B 381 16.76 -36.00 23.83
N LEU B 382 17.86 -35.47 23.30
CA LEU B 382 17.81 -34.33 22.38
C LEU B 382 17.13 -34.67 21.06
N LEU B 383 17.09 -35.95 20.71
CA LEU B 383 16.74 -36.39 19.36
C LEU B 383 15.32 -35.97 18.91
N PRO B 384 14.27 -36.22 19.73
CA PRO B 384 12.96 -35.74 19.28
C PRO B 384 12.87 -34.22 19.23
N LEU B 385 13.66 -33.54 20.06
CA LEU B 385 13.67 -32.08 20.06
C LEU B 385 14.29 -31.56 18.76
N LEU B 386 15.27 -32.30 18.24
CA LEU B 386 15.97 -31.86 17.04
C LEU B 386 15.35 -32.40 15.76
N GLN B 387 14.31 -33.21 15.90
CA GLN B 387 13.58 -33.72 14.73
C GLN B 387 12.57 -32.67 14.25
N PRO B 388 12.21 -32.72 12.95
CA PRO B 388 11.26 -31.74 12.39
C PRO B 388 9.89 -31.81 13.04
N SER B 389 9.12 -30.73 12.92
CA SER B 389 7.80 -30.66 13.52
C SER B 389 6.77 -31.43 12.70
N SER B 390 5.92 -32.20 13.38
CA SER B 390 4.82 -32.89 12.75
C SER B 390 3.87 -31.88 12.11
N PRO B 391 3.28 -32.23 10.96
CA PRO B 391 2.35 -31.32 10.26
C PRO B 391 1.22 -30.86 11.18
N SER B 392 0.65 -31.80 11.94
CA SER B 392 -0.38 -31.48 12.91
C SER B 392 0.19 -30.63 14.04
N SER B 393 1.41 -30.94 14.45
CA SER B 393 2.08 -30.19 15.50
C SER B 393 2.49 -28.81 15.01
N LEU B 394 3.03 -28.75 13.80
CA LEU B 394 3.46 -27.48 13.21
C LEU B 394 2.26 -26.57 13.00
N LEU B 395 1.13 -27.17 12.64
CA LEU B 395 -0.09 -26.40 12.39
C LEU B 395 -0.75 -25.94 13.69
N SER B 396 -0.80 -26.84 14.67
CA SER B 396 -1.51 -26.56 15.92
C SER B 396 -0.70 -25.71 16.90
N ALA B 397 0.62 -25.67 16.73
CA ALA B 397 1.48 -24.90 17.62
C ALA B 397 1.24 -23.40 17.44
N THR B 398 1.15 -22.97 16.20
CA THR B 398 0.87 -21.57 15.91
C THR B 398 -0.61 -21.25 16.11
N PRO B 399 -0.90 -20.32 17.02
CA PRO B 399 -2.28 -19.97 17.37
C PRO B 399 -2.99 -19.12 16.32
N ILE B 400 -4.26 -18.84 16.59
CA ILE B 400 -5.11 -18.10 15.66
C ILE B 400 -5.44 -16.71 16.19
N PRO B 401 -5.04 -15.67 15.44
CA PRO B 401 -5.37 -14.29 15.80
C PRO B 401 -6.87 -14.04 15.79
N LEU B 402 -7.40 -13.48 16.88
CA LEU B 402 -8.82 -13.20 16.98
C LEU B 402 -9.03 -11.70 17.12
N PRO B 403 -10.17 -11.21 16.64
CA PRO B 403 -10.53 -9.80 16.85
C PRO B 403 -10.44 -9.42 18.32
N LEU B 404 -10.00 -8.20 18.60
CA LEU B 404 -9.89 -7.73 19.97
C LEU B 404 -11.26 -7.70 20.64
N ALA B 405 -11.26 -8.03 21.94
CA ALA B 405 -12.48 -8.08 22.74
C ALA B 405 -12.11 -8.39 24.19
N PRO B 406 -12.94 -7.94 25.14
CA PRO B 406 -12.74 -8.32 26.55
C PRO B 406 -12.67 -9.83 26.69
N PHE B 407 -11.82 -10.30 27.58
CA PHE B 407 -11.55 -11.74 27.71
C PHE B 407 -12.82 -12.56 27.92
N THR B 408 -13.67 -12.10 28.82
CA THR B 408 -14.92 -12.80 29.13
C THR B 408 -15.82 -12.89 27.90
N GLN B 409 -16.06 -11.75 27.26
CA GLN B 409 -16.90 -11.68 26.08
C GLN B 409 -16.34 -12.54 24.95
N LEU B 410 -15.01 -12.55 24.83
CA LEU B 410 -14.35 -13.33 23.80
C LEU B 410 -14.56 -14.82 24.03
N THR B 411 -14.38 -15.26 25.28
CA THR B 411 -14.59 -16.66 25.63
C THR B 411 -16.03 -17.10 25.39
N ALA B 412 -16.98 -16.30 25.85
CA ALA B 412 -18.40 -16.60 25.65
C ALA B 412 -18.74 -16.66 24.16
N ALA B 413 -18.18 -15.74 23.40
CA ALA B 413 -18.41 -15.71 21.97
C ALA B 413 -17.90 -16.99 21.34
N LEU B 414 -16.69 -17.38 21.71
CA LEU B 414 -16.08 -18.59 21.18
C LEU B 414 -16.91 -19.84 21.51
N VAL B 415 -17.35 -19.96 22.76
CA VAL B 415 -18.16 -21.12 23.11
C VAL B 415 -19.49 -21.09 22.36
N GLN B 416 -19.97 -19.89 22.05
CA GLN B 416 -21.18 -19.80 21.23
C GLN B 416 -20.92 -20.35 19.84
N VAL B 417 -19.81 -19.90 19.25
CA VAL B 417 -19.46 -20.28 17.88
C VAL B 417 -19.19 -21.78 17.76
N PHE B 418 -18.65 -22.39 18.82
CA PHE B 418 -18.42 -23.83 18.78
C PHE B 418 -19.72 -24.59 19.03
N ARG B 419 -20.47 -24.18 20.05
CA ARG B 419 -21.72 -24.85 20.41
C ARG B 419 -22.73 -24.81 19.27
N GLU B 420 -23.02 -23.61 18.80
CA GLU B 420 -23.91 -23.40 17.66
C GLU B 420 -23.08 -22.79 16.54
N ALA B 421 -23.56 -22.94 15.30
CA ALA B 421 -22.85 -22.60 14.06
C ALA B 421 -21.82 -23.66 13.73
N LEU B 422 -21.52 -24.50 14.70
CA LEU B 422 -20.69 -25.69 14.50
C LEU B 422 -21.27 -26.81 15.35
N GLY B 423 -21.15 -28.04 14.88
CA GLY B 423 -21.78 -29.17 15.55
C GLY B 423 -21.07 -29.63 16.82
N CYS B 424 -20.10 -28.83 17.28
CA CYS B 424 -19.23 -29.22 18.38
C CYS B 424 -19.96 -29.46 19.71
N HIS B 425 -19.69 -30.60 20.31
CA HIS B 425 -20.04 -30.83 21.72
C HIS B 425 -18.84 -30.38 22.55
N ILE B 426 -19.04 -29.35 23.36
CA ILE B 426 -17.93 -28.75 24.10
C ILE B 426 -18.10 -28.79 25.61
N GLU B 427 -16.99 -28.76 26.34
CA GLU B 427 -17.04 -28.66 27.80
C GLU B 427 -15.77 -28.02 28.36
N GLN B 428 -15.85 -27.50 29.58
CA GLN B 428 -14.74 -26.81 30.22
C GLN B 428 -13.59 -27.75 30.54
N SER B 454 -5.62 -18.69 31.79
CA SER B 454 -6.15 -18.85 30.44
C SER B 454 -7.45 -19.65 30.47
N ALA B 455 -8.07 -19.83 29.30
CA ALA B 455 -9.32 -20.58 29.22
C ALA B 455 -9.20 -21.72 28.21
N SER B 456 -9.88 -22.83 28.46
CA SER B 456 -9.80 -23.97 27.56
C SER B 456 -11.08 -24.80 27.50
N TRP B 457 -11.33 -25.40 26.34
CA TRP B 457 -12.49 -26.26 26.13
C TRP B 457 -12.13 -27.50 25.33
N ARG B 458 -12.78 -28.61 25.66
CA ARG B 458 -12.65 -29.83 24.88
C ARG B 458 -13.86 -29.94 23.96
N CYS B 459 -13.58 -30.16 22.67
CA CYS B 459 -14.61 -30.17 21.64
C CYS B 459 -14.63 -31.49 20.87
N ALA B 460 -15.83 -31.93 20.49
CA ALA B 460 -16.01 -33.15 19.74
C ALA B 460 -16.96 -32.95 18.55
N LEU B 461 -16.54 -33.44 17.40
CA LEU B 461 -17.32 -33.36 16.17
C LEU B 461 -17.51 -34.73 15.54
N TRP B 462 -18.75 -35.05 15.17
CA TRP B 462 -19.05 -36.28 14.47
C TRP B 462 -19.20 -36.06 12.96
N HIS B 463 -19.00 -34.82 12.51
CA HIS B 463 -19.33 -34.46 11.13
C HIS B 463 -18.26 -33.65 10.41
N ARG B 464 -18.47 -33.47 9.12
CA ARG B 464 -17.53 -32.87 8.18
C ARG B 464 -17.63 -31.34 8.14
N VAL B 465 -18.28 -30.78 9.16
CA VAL B 465 -18.83 -29.43 9.16
C VAL B 465 -17.95 -28.35 8.54
N TRP B 466 -16.63 -28.50 8.65
CA TRP B 466 -15.71 -27.52 8.07
C TRP B 466 -15.77 -27.47 6.53
N GLN B 467 -16.37 -28.47 5.90
CA GLN B 467 -16.48 -28.48 4.45
C GLN B 467 -17.86 -28.93 3.98
N GLY B 468 -18.28 -28.41 2.83
CA GLY B 468 -19.57 -28.74 2.25
C GLY B 468 -20.57 -27.63 2.49
N ARG B 469 -20.09 -26.54 3.08
CA ARG B 469 -20.93 -25.43 3.48
C ARG B 469 -21.48 -24.63 2.30
N ARG B 470 -20.71 -24.55 1.22
CA ARG B 470 -21.13 -23.83 0.03
C ARG B 470 -22.36 -24.51 -0.60
N ARG B 471 -22.22 -25.80 -0.84
CA ARG B 471 -23.28 -26.61 -1.43
C ARG B 471 -24.55 -26.57 -0.56
N ALA B 472 -24.34 -26.63 0.74
CA ALA B 472 -25.43 -26.63 1.72
C ALA B 472 -26.17 -25.29 1.74
N ARG B 473 -25.41 -24.19 1.74
CA ARG B 473 -26.01 -22.87 1.75
C ARG B 473 -26.76 -22.60 0.45
N ARG B 474 -26.18 -23.04 -0.66
CA ARG B 474 -26.86 -22.94 -1.96
C ARG B 474 -28.20 -23.66 -1.91
N ARG B 475 -28.16 -24.89 -1.41
CA ARG B 475 -29.35 -25.72 -1.30
C ARG B 475 -30.40 -25.09 -0.36
N LEU B 476 -29.95 -24.46 0.72
CA LEU B 476 -30.87 -23.84 1.67
C LEU B 476 -31.53 -22.57 1.14
N GLN B 477 -30.75 -21.75 0.45
CA GLN B 477 -31.30 -20.55 -0.17
C GLN B 477 -32.24 -20.92 -1.32
N GLN B 478 -31.94 -22.05 -1.96
CA GLN B 478 -32.77 -22.55 -3.04
C GLN B 478 -34.08 -23.13 -2.49
N GLN B 479 -33.99 -23.75 -1.32
CA GLN B 479 -35.18 -24.21 -0.61
C GLN B 479 -36.00 -23.04 -0.08
N THR B 480 -35.34 -21.91 0.17
CA THR B 480 -36.03 -20.72 0.62
C THR B 480 -36.75 -20.07 -0.56
N LYS B 481 -36.20 -20.25 -1.76
CA LYS B 481 -36.88 -19.83 -2.98
C LYS B 481 -38.07 -20.73 -3.28
N GLU B 482 -37.83 -22.03 -3.19
CA GLU B 482 -38.79 -23.08 -3.52
C GLU B 482 -39.92 -23.21 -2.49
N GLY B 483 -39.71 -22.64 -1.30
CA GLY B 483 -40.70 -22.71 -0.24
C GLY B 483 -41.46 -21.41 -0.04
N GLY B 493 -26.25 -10.11 10.87
CA GLY B 493 -26.89 -11.41 11.02
C GLY B 493 -25.88 -12.54 10.98
N TRP B 494 -25.76 -13.26 12.09
CA TRP B 494 -24.80 -14.35 12.20
C TRP B 494 -25.23 -15.37 13.26
N LEU B 495 -24.30 -16.22 13.67
CA LEU B 495 -24.58 -17.34 14.58
C LEU B 495 -25.62 -18.30 14.01
N ALA B 496 -26.81 -18.33 14.60
CA ALA B 496 -27.85 -19.31 14.28
C ALA B 496 -28.08 -19.53 12.78
N THR B 497 -28.03 -18.47 11.99
CA THR B 497 -28.18 -18.63 10.53
C THR B 497 -27.12 -19.57 9.97
N GLU B 498 -25.85 -19.29 10.26
CA GLU B 498 -24.78 -20.21 9.90
C GLU B 498 -25.01 -21.59 10.54
N ALA B 499 -25.63 -21.62 11.72
CA ALA B 499 -25.93 -22.89 12.38
C ALA B 499 -26.90 -23.71 11.54
N GLN B 500 -27.81 -23.03 10.84
CA GLN B 500 -28.69 -23.71 9.90
C GLN B 500 -27.83 -24.50 8.91
N VAL B 501 -26.84 -23.81 8.35
CA VAL B 501 -25.94 -24.41 7.37
C VAL B 501 -25.28 -25.66 7.96
N THR B 502 -25.03 -25.63 9.26
CA THR B 502 -24.43 -26.78 9.92
C THR B 502 -25.40 -27.95 9.95
N GLN B 503 -26.63 -27.70 10.37
CA GLN B 503 -27.60 -28.77 10.59
C GLN B 503 -27.95 -29.51 9.31
N GLU B 504 -27.86 -28.83 8.17
CA GLU B 504 -28.20 -29.42 6.88
C GLU B 504 -26.99 -30.07 6.22
N LEU B 505 -25.87 -30.11 6.94
CA LEU B 505 -24.67 -30.79 6.44
C LEU B 505 -24.71 -32.30 6.71
N LYS B 506 -25.80 -32.75 7.31
CA LYS B 506 -25.96 -34.17 7.64
C LYS B 506 -27.30 -34.73 7.16
N THR B 517 -21.76 -43.72 19.57
CA THR B 517 -21.39 -42.39 19.08
C THR B 517 -19.91 -42.10 19.33
N GLU B 518 -19.07 -42.56 18.41
CA GLU B 518 -17.62 -42.34 18.50
C GLU B 518 -17.22 -41.07 17.75
N PRO B 519 -16.63 -40.10 18.45
CA PRO B 519 -16.27 -38.81 17.86
C PRO B 519 -15.39 -38.94 16.62
N LEU B 520 -15.80 -38.26 15.56
CA LEU B 520 -15.04 -38.27 14.30
C LEU B 520 -13.72 -37.56 14.52
N LEU B 521 -13.80 -36.38 15.14
CA LEU B 521 -12.62 -35.59 15.45
C LEU B 521 -12.79 -34.90 16.80
N SER B 522 -11.78 -35.01 17.66
CA SER B 522 -11.85 -34.35 18.95
C SER B 522 -10.61 -33.52 19.18
N PHE B 523 -10.81 -32.29 19.61
CA PHE B 523 -9.71 -31.34 19.74
C PHE B 523 -9.88 -30.42 20.95
N VAL B 524 -8.82 -29.70 21.30
CA VAL B 524 -8.86 -28.74 22.39
C VAL B 524 -8.73 -27.32 21.86
N ALA B 525 -9.40 -26.37 22.50
CA ALA B 525 -9.25 -24.95 22.16
C ALA B 525 -8.85 -24.15 23.40
N SER B 526 -7.73 -23.42 23.29
CA SER B 526 -7.23 -22.62 24.41
C SER B 526 -7.03 -21.14 24.03
N VAL B 527 -7.34 -20.26 24.98
CA VAL B 527 -7.17 -18.82 24.80
C VAL B 527 -6.34 -18.23 25.93
N SER B 528 -5.23 -17.59 25.57
CA SER B 528 -4.37 -16.92 26.53
C SER B 528 -4.86 -15.49 26.78
N PRO B 529 -4.73 -15.02 28.04
CA PRO B 529 -5.22 -13.70 28.45
C PRO B 529 -4.64 -12.52 27.67
N ALA B 530 -3.32 -12.49 27.46
CA ALA B 530 -2.71 -11.42 26.67
C ALA B 530 -1.53 -11.91 25.83
N ASP B 531 -1.52 -11.58 24.54
CA ASP B 531 -2.66 -10.99 23.85
C ASP B 531 -3.59 -12.13 23.45
N ARG B 532 -4.87 -11.84 23.24
CA ARG B 532 -5.85 -12.89 23.04
C ARG B 532 -5.68 -13.61 21.71
N MET B 533 -5.41 -14.91 21.79
CA MET B 533 -5.21 -15.77 20.63
C MET B 533 -5.65 -17.19 20.96
N LEU B 534 -6.18 -17.89 19.97
CA LEU B 534 -6.74 -19.22 20.18
C LEU B 534 -5.79 -20.33 19.72
N THR B 535 -5.52 -21.27 20.62
CA THR B 535 -4.68 -22.41 20.28
C THR B 535 -5.54 -23.66 20.18
N VAL B 536 -5.69 -24.15 18.95
CA VAL B 536 -6.48 -25.34 18.68
C VAL B 536 -5.58 -26.55 18.40
N THR B 537 -5.69 -27.57 19.23
CA THR B 537 -4.84 -28.75 19.12
C THR B 537 -5.65 -30.04 19.04
N PRO B 538 -5.17 -31.03 18.27
CA PRO B 538 -5.90 -32.28 18.07
C PRO B 538 -5.80 -33.22 19.27
N LEU B 539 -6.88 -33.97 19.52
CA LEU B 539 -6.87 -35.02 20.54
C LEU B 539 -7.05 -36.38 19.88
N GLN B 540 -8.27 -36.64 19.40
CA GLN B 540 -8.54 -37.88 18.68
C GLN B 540 -8.81 -37.61 17.21
N ASP B 541 -7.91 -38.07 16.36
CA ASP B 541 -8.01 -37.84 14.92
C ASP B 541 -7.70 -39.12 14.14
N PRO B 542 -8.72 -40.00 14.00
CA PRO B 542 -8.58 -41.28 13.30
C PRO B 542 -8.23 -41.15 11.81
N GLN B 543 -8.87 -40.23 11.11
CA GLN B 543 -8.68 -40.08 9.67
C GLN B 543 -7.71 -38.97 9.27
N GLY B 544 -7.16 -38.27 10.25
CA GLY B 544 -6.16 -37.25 9.98
C GLY B 544 -6.70 -36.01 9.29
N LEU B 545 -7.97 -35.70 9.52
CA LEU B 545 -8.62 -34.56 8.88
C LEU B 545 -8.53 -33.28 9.71
N PHE B 546 -7.79 -33.34 10.81
CA PHE B 546 -7.59 -32.17 11.67
C PHE B 546 -7.12 -30.91 10.93
N PRO B 547 -6.09 -31.02 10.06
CA PRO B 547 -5.63 -29.81 9.38
C PRO B 547 -6.71 -29.09 8.57
N ASP B 548 -7.62 -29.82 7.93
CA ASP B 548 -8.73 -29.21 7.21
C ASP B 548 -9.57 -28.35 8.15
N LEU B 549 -9.90 -28.93 9.30
CA LEU B 549 -10.64 -28.22 10.34
C LEU B 549 -9.88 -27.00 10.84
N HIS B 550 -8.55 -27.12 10.92
CA HIS B 550 -7.75 -26.03 11.47
C HIS B 550 -7.70 -24.85 10.52
N HIS B 551 -7.50 -25.12 9.23
CA HIS B 551 -7.53 -24.05 8.24
C HIS B 551 -8.90 -23.41 8.23
N PHE B 552 -9.93 -24.26 8.27
CA PHE B 552 -11.30 -23.78 8.31
C PHE B 552 -11.53 -22.83 9.48
N LEU B 553 -11.07 -23.22 10.67
CA LEU B 553 -11.24 -22.40 11.87
C LEU B 553 -10.45 -21.10 11.75
N GLN B 554 -9.28 -21.19 11.10
CA GLN B 554 -8.46 -20.01 10.84
C GLN B 554 -9.24 -18.98 10.05
N VAL B 555 -10.02 -19.45 9.09
CA VAL B 555 -10.84 -18.53 8.29
C VAL B 555 -12.14 -18.10 9.01
N PHE B 556 -12.80 -19.08 9.61
CA PHE B 556 -14.17 -18.96 10.10
C PHE B 556 -14.29 -18.25 11.43
N LEU B 557 -13.40 -18.58 12.37
CA LEU B 557 -13.53 -18.04 13.73
C LEU B 557 -13.35 -16.52 13.84
N PRO B 558 -12.33 -15.95 13.16
CA PRO B 558 -12.24 -14.48 13.22
C PRO B 558 -13.47 -13.80 12.62
N GLN B 559 -14.06 -14.44 11.62
CA GLN B 559 -15.28 -13.96 10.97
C GLN B 559 -16.46 -13.99 11.94
N ALA B 560 -16.59 -15.10 12.66
CA ALA B 560 -17.65 -15.28 13.63
C ALA B 560 -17.54 -14.25 14.75
N ILE B 561 -16.36 -14.16 15.35
CA ILE B 561 -16.09 -13.16 16.38
C ILE B 561 -16.41 -11.76 15.87
N ARG B 562 -15.94 -11.44 14.68
CA ARG B 562 -16.20 -10.17 14.09
C ARG B 562 -17.67 -9.90 14.14
N HIS B 563 -18.43 -10.72 13.46
CA HIS B 563 -19.86 -10.44 13.35
C HIS B 563 -20.53 -10.40 14.71
N LEU B 564 -19.94 -11.07 15.70
CA LEU B 564 -20.45 -11.02 17.06
C LEU B 564 -20.10 -9.71 17.74
N LYS B 565 -19.12 -9.00 17.19
CA LYS B 565 -18.74 -7.69 17.73
C LYS B 565 -19.74 -6.61 17.36
N LEU B 566 -20.32 -6.73 16.17
CA LEU B 566 -21.18 -5.68 15.63
C LEU B 566 -22.65 -5.90 15.94
N GLU B 567 -22.96 -6.95 16.69
CA GLU B 567 -24.33 -7.20 17.14
C GLU B 567 -24.59 -6.51 18.48
N HIS B 568 -23.54 -5.94 19.06
CA HIS B 568 -23.68 -5.13 20.27
C HIS B 568 -23.87 -3.65 19.90
PA UTP C . -9.41 11.10 -7.89
O1A UTP C . -9.98 11.19 -9.28
O2A UTP C . -10.38 11.13 -6.72
O3A UTP C . -8.41 12.34 -7.71
O5' UTP C . -8.54 9.76 -7.81
PB UTP C . -7.38 12.44 -6.48
O1B UTP C . -7.89 11.60 -5.32
O2B UTP C . -5.98 12.23 -6.99
O3B UTP C . -7.55 13.99 -6.06
PG UTP C . -8.84 14.41 -5.21
O1G UTP C . -10.01 13.88 -6.01
O2G UTP C . -8.77 15.92 -5.14
O3G UTP C . -8.64 13.74 -3.88
C5' UTP C . -8.55 8.96 -6.64
C4' UTP C . -7.56 7.81 -6.75
O4' UTP C . -8.30 6.64 -7.10
C1' UTP C . -7.66 5.95 -8.19
C2' UTP C . -6.37 6.69 -8.50
O2' UTP C . -5.26 5.99 -7.86
C3' UTP C . -6.54 8.04 -7.85
O3' UTP C . -5.30 8.47 -7.36
N1 UTP C . -8.50 5.95 -9.40
C6 UTP C . -9.36 6.99 -9.65
C2 UTP C . -8.37 4.91 -10.29
O2 UTP C . -7.59 3.99 -10.05
N3 UTP C . -9.13 4.89 -11.43
C4 UTP C . -10.00 5.92 -11.71
O4 UTP C . -10.68 5.90 -12.74
C5 UTP C . -10.12 6.98 -10.82
MG MG D . -9.68 12.13 -4.68
CL CL E . 0.08 17.09 -30.74
C1 EDO F . -4.19 13.61 -8.70
O1 EDO F . -4.58 12.43 -9.41
C2 EDO F . -4.69 14.86 -9.40
O2 EDO F . -4.78 15.97 -8.48
PA UTP G . 22.42 -12.60 13.45
O1A UTP G . 22.55 -12.93 12.00
O2A UTP G . 21.11 -12.46 14.04
O3A UTP G . 23.00 -13.77 14.30
O5' UTP G . 23.20 -11.28 13.77
PB UTP G . 24.37 -14.53 14.06
O1B UTP G . 24.84 -14.80 15.47
O2B UTP G . 25.18 -13.73 13.10
O3B UTP G . 24.05 -15.94 13.34
PG UTP G . 23.78 -16.07 11.80
O1G UTP G . 22.45 -15.45 11.68
O2G UTP G . 24.88 -15.35 11.16
O3G UTP G . 23.81 -17.52 11.59
C5' UTP G . 24.55 -11.12 13.48
C4' UTP G . 25.10 -10.06 14.37
O4' UTP G . 24.38 -8.89 14.11
C1' UTP G . 24.29 -8.13 15.29
C2' UTP G . 24.81 -9.00 16.39
O2' UTP G . 26.19 -8.71 16.62
C3' UTP G . 24.74 -10.36 15.78
O3' UTP G . 25.68 -11.17 16.37
N1 UTP G . 22.90 -7.79 15.60
C6 UTP G . 21.90 -8.55 15.12
C2 UTP G . 22.61 -6.73 16.35
O2 UTP G . 23.47 -6.02 16.78
N3 UTP G . 21.35 -6.40 16.62
C4 UTP G . 20.35 -7.14 16.17
O4 UTP G . 19.22 -6.86 16.42
C5 UTP G . 20.62 -8.22 15.40
MG MG H . 24.47 -13.17 11.13
CL CL I . 11.03 -18.74 35.76
C1 EDO J . 24.01 -17.35 17.42
O1 EDO J . 22.88 -18.14 17.06
C2 EDO J . 23.66 -15.86 17.49
O2 EDO J . 24.86 -15.06 17.49
#